data_1E3P
#
_entry.id   1E3P
#
_cell.length_a   130.830
_cell.length_b   130.830
_cell.length_c   328.732
_cell.angle_alpha   90.00
_cell.angle_beta   90.00
_cell.angle_gamma   120.00
#
_symmetry.space_group_name_H-M   'H 3 2'
#
loop_
_entity.id
_entity.type
_entity.pdbx_description
1 polymer 'Polyribonucleotide nucleotidyltransferase'
2 non-polymer 'SULFATE ION'
3 non-polymer TUNGSTATE(VI)ION
4 water water
#
_entity_poly.entity_id   1
_entity_poly.type   'polypeptide(L)'
_entity_poly.pdbx_seq_one_letter_code
;ASMTGGQQMGRGSGSEFMENETHYAEAVIDNGAFGTRTIRFETGRLARQAAGSAVAYLDDDTMVLSATTASKNPKDQLDF
FPLTVDVEERMYAAGKIPGSFFRREGRPSEDAILTCRLIDRPLRPSFKKGLRNEIQVVATIMALNPDHLYDVVAINAASA
STQLAGLPFSGPIGGVRVALIRGQWVAFPTHTELEDAVFDMVVAGRVLEDGDVAIMMVEAEATEKTIQLVKDGAEAPTEE
VVAAGLDAAKPFIKVLCKAQADLAAKAAKPTGEFPVFLDYQDDVLEALSAAVRPELSAALTIAGKQDREAELDRVKALAA
EKLLPEFEGREKEISAAYRALTKSLVRERVIAEKKRIDGRGVTDIRTLAAEVEAIPRVHGSALFERGETQILGVTTLNML
RMEQQLDTLSPVTRKRYMHNYNFPPYSVGETGRVGSPKRREIGHGALAERAIVPVLPTREEFPYAIRQVSEALGSNGSTS
MGSVCASTMSLLNAGVPLKAPVAGIAMGLISQEINGETHYVALTDILGAEDAFGDMDFKVAGTKEFVTALQLDTKLDGIP
ASVLAAALKQARDARLHILDVMMEAIDTPDEMSPNAPRIITVKIPVDKIGEVIGPKRQMINQIQEDTGAEITIEDDGTIY
IGAADGPAAEAARATINGIANPTSPEVGERILGSVVKTTTFGAFVSLLPGKDGLLHISQIRKLAGGKRVENVEDVLGVGQ
KVQVEIAEIDSRGKLSLIPVIEGEEAASDEKKDDAEQ
;
_entity_poly.pdbx_strand_id   A
#
# COMPACT_ATOMS: atom_id res chain seq x y z
N ASN A 20 6.16 -41.26 3.02
CA ASN A 20 7.18 -40.24 3.42
C ASN A 20 8.22 -40.02 2.31
N GLU A 21 7.80 -39.36 1.22
CA GLU A 21 8.68 -39.11 0.09
C GLU A 21 8.70 -37.61 -0.27
N THR A 22 9.82 -37.15 -0.83
CA THR A 22 9.97 -35.75 -1.21
C THR A 22 9.48 -35.53 -2.65
N HIS A 23 8.67 -34.49 -2.85
CA HIS A 23 8.12 -34.17 -4.17
C HIS A 23 8.55 -32.76 -4.62
N TYR A 24 8.73 -32.57 -5.92
CA TYR A 24 9.14 -31.27 -6.47
C TYR A 24 8.29 -30.85 -7.67
N ALA A 25 8.43 -29.59 -8.06
CA ALA A 25 7.72 -29.02 -9.19
C ALA A 25 8.43 -27.72 -9.53
N GLU A 26 8.40 -27.31 -10.78
CA GLU A 26 9.08 -26.08 -11.17
C GLU A 26 8.27 -25.15 -12.03
N ALA A 27 8.47 -23.86 -11.80
CA ALA A 27 7.80 -22.82 -12.57
C ALA A 27 8.95 -22.11 -13.28
N VAL A 28 9.04 -22.31 -14.59
CA VAL A 28 10.11 -21.66 -15.36
C VAL A 28 9.72 -20.26 -15.77
N ILE A 29 10.53 -19.30 -15.30
CA ILE A 29 10.30 -17.88 -15.58
C ILE A 29 11.25 -17.45 -16.68
N ASP A 30 10.69 -17.20 -17.86
CA ASP A 30 11.47 -16.81 -19.02
C ASP A 30 11.43 -15.31 -19.28
N ASN A 31 12.56 -14.65 -19.02
CA ASN A 31 12.66 -13.21 -19.25
C ASN A 31 13.46 -12.86 -20.49
N GLY A 32 13.53 -13.80 -21.43
CA GLY A 32 14.24 -13.54 -22.67
C GLY A 32 15.67 -13.05 -22.50
N ALA A 33 15.95 -11.87 -23.04
CA ALA A 33 17.29 -11.32 -22.98
C ALA A 33 17.82 -11.17 -21.56
N PHE A 34 16.92 -11.05 -20.59
CA PHE A 34 17.33 -10.89 -19.20
C PHE A 34 17.62 -12.22 -18.53
N GLY A 35 17.39 -13.29 -19.28
CA GLY A 35 17.65 -14.62 -18.77
C GLY A 35 16.43 -15.38 -18.32
N THR A 36 16.66 -16.58 -17.84
CA THR A 36 15.58 -17.41 -17.35
C THR A 36 15.91 -17.76 -15.91
N ARG A 37 14.87 -17.84 -15.07
CA ARG A 37 15.03 -18.22 -13.66
C ARG A 37 13.94 -19.20 -13.32
N THR A 38 14.09 -19.87 -12.19
CA THR A 38 13.12 -20.86 -11.80
C THR A 38 12.70 -20.78 -10.36
N ILE A 39 11.42 -21.01 -10.12
CA ILE A 39 10.89 -21.04 -8.77
C ILE A 39 10.64 -22.53 -8.58
N ARG A 40 11.43 -23.16 -7.73
CA ARG A 40 11.27 -24.59 -7.48
C ARG A 40 10.54 -24.81 -6.15
N PHE A 41 9.52 -25.66 -6.17
CA PHE A 41 8.76 -25.98 -4.97
C PHE A 41 9.13 -27.37 -4.48
N GLU A 42 9.21 -27.52 -3.17
CA GLU A 42 9.56 -28.79 -2.58
C GLU A 42 8.64 -29.08 -1.41
N THR A 43 8.44 -30.37 -1.12
CA THR A 43 7.61 -30.76 0.02
C THR A 43 7.85 -32.23 0.37
N GLY A 44 7.78 -32.53 1.66
CA GLY A 44 7.98 -33.90 2.12
C GLY A 44 9.26 -34.12 2.89
N ARG A 45 10.17 -33.15 2.80
CA ARG A 45 11.45 -33.27 3.48
C ARG A 45 11.50 -32.56 4.83
N LEU A 46 11.02 -31.32 4.87
CA LEU A 46 11.05 -30.52 6.09
C LEU A 46 9.70 -30.25 6.77
N ALA A 47 9.74 -30.07 8.08
CA ALA A 47 8.56 -29.74 8.87
C ALA A 47 7.39 -30.67 8.55
N ARG A 48 7.57 -31.95 8.82
CA ARG A 48 6.54 -32.92 8.52
C ARG A 48 5.35 -32.95 9.48
N GLN A 49 5.43 -32.19 10.57
CA GLN A 49 4.34 -32.16 11.55
C GLN A 49 3.29 -31.08 11.25
N ALA A 50 3.59 -30.19 10.32
CA ALA A 50 2.67 -29.12 9.96
C ALA A 50 1.55 -29.70 9.09
N ALA A 51 0.38 -29.07 9.12
CA ALA A 51 -0.72 -29.54 8.30
C ALA A 51 -0.23 -29.57 6.85
N GLY A 52 0.47 -28.51 6.46
CA GLY A 52 1.00 -28.41 5.11
C GLY A 52 2.38 -27.75 5.14
N SER A 53 3.30 -28.22 4.31
CA SER A 53 4.63 -27.66 4.28
C SER A 53 5.25 -27.67 2.89
N ALA A 54 5.97 -26.61 2.56
CA ALA A 54 6.61 -26.52 1.26
C ALA A 54 7.78 -25.54 1.29
N VAL A 55 8.73 -25.76 0.38
CA VAL A 55 9.88 -24.89 0.25
C VAL A 55 9.79 -24.30 -1.13
N ALA A 56 10.23 -23.05 -1.27
CA ALA A 56 10.22 -22.42 -2.57
C ALA A 56 11.61 -21.84 -2.79
N TYR A 57 12.29 -22.29 -3.84
CA TYR A 57 13.62 -21.79 -4.12
C TYR A 57 13.58 -20.92 -5.37
N LEU A 58 14.37 -19.87 -5.38
CA LEU A 58 14.49 -19.01 -6.55
C LEU A 58 15.88 -19.42 -7.06
N ASP A 59 15.93 -20.00 -8.26
CA ASP A 59 17.18 -20.47 -8.84
C ASP A 59 17.99 -21.32 -7.86
N ASP A 60 17.32 -22.21 -7.11
CA ASP A 60 18.00 -23.07 -6.15
C ASP A 60 18.94 -22.29 -5.23
N ASP A 61 18.79 -20.98 -5.18
CA ASP A 61 19.68 -20.13 -4.38
C ASP A 61 18.98 -19.53 -3.16
N THR A 62 17.92 -18.77 -3.39
CA THR A 62 17.16 -18.17 -2.32
C THR A 62 16.13 -19.19 -1.89
N MET A 63 16.02 -19.41 -0.58
CA MET A 63 15.09 -20.38 -0.07
C MET A 63 14.18 -19.81 0.98
N VAL A 64 12.92 -20.20 0.90
CA VAL A 64 11.91 -19.78 1.85
C VAL A 64 11.14 -21.02 2.21
N LEU A 65 11.01 -21.30 3.51
CA LEU A 65 10.26 -22.45 3.97
C LEU A 65 8.93 -21.90 4.48
N SER A 66 7.85 -22.61 4.21
CA SER A 66 6.54 -22.18 4.68
C SER A 66 5.79 -23.35 5.31
N ALA A 67 5.30 -23.15 6.54
CA ALA A 67 4.57 -24.19 7.23
C ALA A 67 3.19 -23.66 7.59
N THR A 68 2.16 -24.42 7.24
CA THR A 68 0.80 -24.04 7.51
C THR A 68 0.19 -25.01 8.51
N THR A 69 -0.46 -24.47 9.54
CA THR A 69 -1.08 -25.30 10.55
C THR A 69 -2.49 -24.79 10.87
N ALA A 70 -3.33 -25.66 11.42
CA ALA A 70 -4.70 -25.28 11.78
C ALA A 70 -5.00 -25.77 13.18
N SER A 71 -5.65 -24.93 13.99
CA SER A 71 -5.98 -25.35 15.34
C SER A 71 -7.20 -26.24 15.20
N LYS A 72 -7.26 -27.29 16.02
CA LYS A 72 -8.37 -28.24 15.97
C LYS A 72 -9.72 -27.61 16.29
N ASN A 73 -9.74 -26.77 17.32
CA ASN A 73 -10.97 -26.11 17.76
C ASN A 73 -11.23 -24.77 17.10
N PRO A 74 -12.46 -24.57 16.61
CA PRO A 74 -12.80 -23.30 15.95
C PRO A 74 -13.02 -22.24 17.02
N LYS A 75 -12.72 -21.00 16.70
CA LYS A 75 -12.92 -19.91 17.65
C LYS A 75 -14.25 -19.25 17.28
N ASP A 76 -15.32 -20.02 17.46
CA ASP A 76 -16.67 -19.58 17.16
C ASP A 76 -17.05 -18.23 17.79
N GLN A 77 -16.30 -17.82 18.80
CA GLN A 77 -16.56 -16.55 19.48
C GLN A 77 -16.32 -15.37 18.54
N LEU A 78 -15.33 -15.52 17.66
CA LEU A 78 -14.97 -14.47 16.70
C LEU A 78 -15.98 -14.38 15.58
N ASP A 79 -16.08 -13.18 15.01
CA ASP A 79 -16.99 -12.92 13.90
C ASP A 79 -16.20 -12.70 12.62
N PHE A 80 -14.94 -13.13 12.64
CA PHE A 80 -14.06 -13.00 11.48
C PHE A 80 -13.15 -14.22 11.42
N PHE A 81 -12.74 -14.60 10.21
CA PHE A 81 -11.85 -15.73 10.01
C PHE A 81 -10.49 -15.37 10.61
N PRO A 82 -10.02 -16.17 11.60
CA PRO A 82 -8.73 -15.87 12.22
C PRO A 82 -7.49 -16.43 11.50
N LEU A 83 -7.03 -15.71 10.48
CA LEU A 83 -5.84 -16.11 9.74
C LEU A 83 -4.65 -15.32 10.28
N THR A 84 -3.51 -16.00 10.44
CA THR A 84 -2.30 -15.36 10.93
C THR A 84 -1.13 -15.72 10.04
N VAL A 85 -0.46 -14.70 9.50
CA VAL A 85 0.70 -14.93 8.66
C VAL A 85 1.92 -14.31 9.33
N ASP A 86 3.00 -15.08 9.42
CA ASP A 86 4.24 -14.60 10.03
C ASP A 86 5.42 -14.83 9.10
N VAL A 87 6.27 -13.82 8.97
CA VAL A 87 7.45 -13.93 8.12
C VAL A 87 8.68 -13.80 9.03
N GLU A 88 9.50 -14.83 9.03
CA GLU A 88 10.68 -14.85 9.87
C GLU A 88 11.98 -14.71 9.08
N GLU A 89 12.63 -13.57 9.19
CA GLU A 89 13.88 -13.34 8.51
C GLU A 89 15.01 -13.91 9.35
N ARG A 90 15.72 -14.88 8.81
CA ARG A 90 16.85 -15.45 9.53
C ARG A 90 18.09 -14.79 8.92
N MET A 91 18.78 -13.98 9.71
CA MET A 91 19.96 -13.28 9.23
C MET A 91 21.05 -14.21 8.71
N TYR A 92 20.99 -15.49 9.06
CA TYR A 92 22.01 -16.39 8.54
C TYR A 92 21.80 -16.64 7.05
N ALA A 93 20.60 -16.32 6.58
CA ALA A 93 20.27 -16.50 5.16
C ALA A 93 21.16 -15.53 4.37
N ALA A 94 21.72 -14.56 5.06
CA ALA A 94 22.59 -13.57 4.44
C ALA A 94 24.01 -13.74 4.96
N GLY A 95 24.24 -14.83 5.69
CA GLY A 95 25.56 -15.06 6.25
C GLY A 95 25.92 -13.94 7.22
N LYS A 96 24.91 -13.40 7.89
CA LYS A 96 25.13 -12.32 8.86
C LYS A 96 24.65 -12.70 10.26
N ILE A 97 25.40 -12.25 11.25
CA ILE A 97 25.04 -12.46 12.66
C ILE A 97 24.25 -11.20 13.00
N PRO A 98 23.06 -11.35 13.58
CA PRO A 98 22.28 -10.15 13.91
C PRO A 98 23.11 -9.09 14.64
N GLY A 99 22.94 -7.84 14.24
CA GLY A 99 23.68 -6.76 14.89
C GLY A 99 23.03 -6.29 16.18
N SER A 100 21.82 -6.77 16.46
CA SER A 100 21.12 -6.36 17.66
C SER A 100 21.99 -6.68 18.87
N PHE A 101 21.78 -5.95 19.96
CA PHE A 101 22.55 -6.13 21.19
C PHE A 101 22.63 -7.59 21.64
N PHE A 102 21.51 -8.30 21.51
CA PHE A 102 21.44 -9.70 21.92
C PHE A 102 21.87 -10.68 20.81
N ARG A 103 22.32 -10.14 19.69
CA ARG A 103 22.78 -10.95 18.57
C ARG A 103 21.79 -12.05 18.19
N ARG A 104 20.51 -11.68 18.13
CA ARG A 104 19.43 -12.61 17.78
C ARG A 104 18.32 -11.80 17.12
N GLU A 105 17.86 -12.20 15.94
CA GLU A 105 16.80 -11.43 15.29
C GLU A 105 15.59 -11.32 16.22
N GLY A 106 15.00 -10.13 16.29
CA GLY A 106 13.85 -9.92 17.16
C GLY A 106 12.61 -9.37 16.48
N ARG A 107 12.23 -8.14 16.82
CA ARG A 107 11.06 -7.49 16.25
C ARG A 107 11.14 -7.34 14.72
N PRO A 108 10.13 -7.89 14.01
CA PRO A 108 10.01 -7.88 12.55
C PRO A 108 10.39 -6.59 11.85
N SER A 109 11.14 -6.71 10.76
CA SER A 109 11.54 -5.55 9.98
C SER A 109 10.33 -5.12 9.16
N GLU A 110 10.43 -3.96 8.52
CA GLU A 110 9.35 -3.45 7.70
C GLU A 110 9.01 -4.48 6.62
N ASP A 111 10.04 -4.97 5.93
CA ASP A 111 9.87 -5.96 4.88
C ASP A 111 9.08 -7.18 5.34
N ALA A 112 9.41 -7.68 6.53
CA ALA A 112 8.73 -8.85 7.05
C ALA A 112 7.24 -8.56 7.19
N ILE A 113 6.92 -7.43 7.82
CA ILE A 113 5.52 -7.06 8.01
C ILE A 113 4.82 -6.83 6.67
N LEU A 114 5.47 -6.09 5.76
CA LEU A 114 4.86 -5.82 4.47
C LEU A 114 4.64 -7.10 3.70
N THR A 115 5.51 -8.08 3.92
CA THR A 115 5.36 -9.35 3.22
C THR A 115 4.18 -10.15 3.77
N CYS A 116 3.94 -10.05 5.07
CA CYS A 116 2.79 -10.73 5.68
C CYS A 116 1.55 -10.17 5.00
N ARG A 117 1.54 -8.86 4.79
CA ARG A 117 0.40 -8.21 4.16
C ARG A 117 0.21 -8.73 2.75
N LEU A 118 1.28 -8.81 1.97
CA LEU A 118 1.20 -9.29 0.59
C LEU A 118 0.68 -10.71 0.52
N ILE A 119 1.00 -11.53 1.52
CA ILE A 119 0.55 -12.91 1.55
C ILE A 119 -0.89 -13.00 2.07
N ASP A 120 -1.17 -12.29 3.15
CA ASP A 120 -2.49 -12.28 3.77
C ASP A 120 -3.58 -11.77 2.82
N ARG A 121 -3.34 -10.63 2.18
CA ARG A 121 -4.33 -10.05 1.28
C ARG A 121 -5.00 -11.01 0.29
N PRO A 122 -4.22 -11.82 -0.45
CA PRO A 122 -4.83 -12.76 -1.39
C PRO A 122 -5.21 -14.12 -0.79
N LEU A 123 -4.57 -14.49 0.32
CA LEU A 123 -4.87 -15.78 0.95
C LEU A 123 -6.13 -15.75 1.84
N ARG A 124 -6.34 -14.65 2.55
CA ARG A 124 -7.50 -14.55 3.44
C ARG A 124 -8.82 -14.88 2.72
N PRO A 125 -9.19 -14.09 1.70
CA PRO A 125 -10.44 -14.34 0.97
C PRO A 125 -10.50 -15.65 0.20
N SER A 126 -9.43 -16.43 0.22
CA SER A 126 -9.44 -17.69 -0.52
C SER A 126 -9.98 -18.85 0.30
N PHE A 127 -10.28 -18.61 1.57
CA PHE A 127 -10.83 -19.67 2.42
C PHE A 127 -12.37 -19.58 2.43
N LYS A 128 -13.04 -20.71 2.61
CA LYS A 128 -14.49 -20.75 2.65
C LYS A 128 -14.97 -19.78 3.72
N LYS A 129 -16.09 -19.09 3.45
CA LYS A 129 -16.62 -18.15 4.44
C LYS A 129 -17.22 -18.92 5.61
N GLY A 130 -17.15 -18.30 6.78
CA GLY A 130 -17.69 -18.91 7.97
C GLY A 130 -16.66 -19.76 8.68
N LEU A 131 -15.45 -19.81 8.12
CA LEU A 131 -14.39 -20.59 8.73
C LEU A 131 -13.94 -19.89 10.00
N ARG A 132 -13.90 -20.61 11.11
CA ARG A 132 -13.49 -20.01 12.38
C ARG A 132 -12.28 -20.66 13.04
N ASN A 133 -11.70 -21.66 12.37
CA ASN A 133 -10.51 -22.30 12.90
C ASN A 133 -9.31 -21.38 12.67
N GLU A 134 -8.40 -21.34 13.63
CA GLU A 134 -7.21 -20.51 13.50
C GLU A 134 -6.27 -21.14 12.48
N ILE A 135 -5.98 -20.41 11.42
CA ILE A 135 -5.06 -20.90 10.39
C ILE A 135 -3.81 -20.04 10.45
N GLN A 136 -2.66 -20.66 10.68
CA GLN A 136 -1.42 -19.90 10.73
C GLN A 136 -0.46 -20.32 9.63
N VAL A 137 0.18 -19.33 9.01
CA VAL A 137 1.16 -19.58 7.96
C VAL A 137 2.46 -18.91 8.38
N VAL A 138 3.52 -19.70 8.53
CA VAL A 138 4.82 -19.14 8.91
C VAL A 138 5.84 -19.34 7.79
N ALA A 139 6.31 -18.23 7.21
CA ALA A 139 7.29 -18.29 6.14
C ALA A 139 8.63 -17.85 6.72
N THR A 140 9.64 -18.71 6.56
CA THR A 140 10.97 -18.43 7.09
C THR A 140 11.99 -18.30 5.94
N ILE A 141 12.69 -17.17 5.91
CA ILE A 141 13.67 -16.90 4.87
C ILE A 141 14.99 -17.53 5.36
N MET A 142 15.35 -18.69 4.80
CA MET A 142 16.56 -19.38 5.25
C MET A 142 17.85 -19.14 4.46
N ALA A 143 17.72 -18.67 3.22
CA ALA A 143 18.88 -18.38 2.41
C ALA A 143 18.49 -17.29 1.44
N LEU A 144 19.33 -16.27 1.30
CA LEU A 144 19.01 -15.18 0.39
C LEU A 144 20.20 -14.68 -0.43
N ASN A 145 20.09 -14.83 -1.74
CA ASN A 145 21.13 -14.32 -2.62
C ASN A 145 20.91 -12.83 -2.47
N PRO A 146 21.98 -12.07 -2.17
CA PRO A 146 21.82 -10.62 -2.00
C PRO A 146 21.25 -9.84 -3.19
N ASP A 147 21.14 -10.50 -4.35
CA ASP A 147 20.62 -9.82 -5.55
C ASP A 147 19.14 -10.12 -5.78
N HIS A 148 18.57 -11.01 -4.97
CA HIS A 148 17.16 -11.42 -5.06
C HIS A 148 16.26 -10.75 -4.02
N LEU A 149 14.96 -10.66 -4.34
CA LEU A 149 13.96 -10.07 -3.45
C LEU A 149 13.12 -11.27 -2.98
N TYR A 150 13.10 -11.53 -1.67
CA TYR A 150 12.38 -12.69 -1.15
C TYR A 150 10.87 -12.59 -1.01
N ASP A 151 10.35 -11.38 -0.94
CA ASP A 151 8.91 -11.25 -0.75
C ASP A 151 8.02 -12.09 -1.64
N VAL A 152 8.24 -12.02 -2.96
CA VAL A 152 7.42 -12.78 -3.91
C VAL A 152 7.71 -14.28 -3.88
N VAL A 153 8.91 -14.67 -3.47
CA VAL A 153 9.21 -16.10 -3.38
C VAL A 153 8.34 -16.61 -2.22
N ALA A 154 8.23 -15.80 -1.16
CA ALA A 154 7.46 -16.17 0.03
C ALA A 154 5.95 -16.28 -0.21
N ILE A 155 5.42 -15.43 -1.08
CA ILE A 155 3.97 -15.48 -1.36
C ILE A 155 3.66 -16.86 -1.90
N ASN A 156 4.45 -17.31 -2.86
CA ASN A 156 4.23 -18.62 -3.47
C ASN A 156 4.42 -19.75 -2.47
N ALA A 157 5.47 -19.68 -1.66
CA ALA A 157 5.70 -20.73 -0.68
C ALA A 157 4.52 -20.81 0.29
N ALA A 158 3.98 -19.64 0.67
CA ALA A 158 2.85 -19.56 1.59
C ALA A 158 1.64 -20.25 0.99
N SER A 159 1.36 -19.91 -0.27
CA SER A 159 0.25 -20.53 -0.97
C SER A 159 0.47 -22.03 -1.07
N ALA A 160 1.67 -22.44 -1.49
CA ALA A 160 1.97 -23.85 -1.63
C ALA A 160 1.74 -24.69 -0.36
N SER A 161 2.32 -24.28 0.76
CA SER A 161 2.14 -25.03 2.01
C SER A 161 0.67 -25.10 2.43
N THR A 162 -0.05 -24.01 2.21
CA THR A 162 -1.47 -23.96 2.56
C THR A 162 -2.31 -24.87 1.66
N GLN A 163 -1.95 -24.91 0.38
CA GLN A 163 -2.66 -25.73 -0.61
C GLN A 163 -2.53 -27.21 -0.27
N LEU A 164 -1.44 -27.58 0.40
CA LEU A 164 -1.20 -28.97 0.77
C LEU A 164 -1.78 -29.32 2.13
N ALA A 165 -2.19 -28.30 2.87
CA ALA A 165 -2.70 -28.49 4.23
C ALA A 165 -4.07 -29.17 4.42
N GLY A 166 -4.78 -29.41 3.32
CA GLY A 166 -6.08 -30.05 3.45
C GLY A 166 -7.10 -29.15 4.11
N LEU A 167 -7.11 -27.89 3.71
CA LEU A 167 -8.04 -26.92 4.27
C LEU A 167 -8.98 -26.41 3.19
N PRO A 168 -10.12 -25.84 3.58
CA PRO A 168 -11.09 -25.31 2.62
C PRO A 168 -10.50 -24.01 2.07
N PHE A 169 -9.49 -24.17 1.22
CA PHE A 169 -8.75 -23.09 0.61
C PHE A 169 -8.74 -23.26 -0.92
N SER A 170 -9.15 -22.20 -1.63
CA SER A 170 -9.22 -22.23 -3.09
C SER A 170 -7.97 -21.73 -3.79
N GLY A 171 -6.86 -22.44 -3.64
CA GLY A 171 -5.62 -22.04 -4.27
C GLY A 171 -5.37 -22.89 -5.50
N PRO A 172 -4.14 -22.89 -6.04
CA PRO A 172 -3.02 -22.13 -5.50
C PRO A 172 -3.12 -20.66 -5.87
N ILE A 173 -2.34 -19.84 -5.19
CA ILE A 173 -2.28 -18.42 -5.46
C ILE A 173 -0.87 -18.24 -6.00
N GLY A 174 -0.74 -17.56 -7.12
CA GLY A 174 0.57 -17.32 -7.69
C GLY A 174 0.94 -15.88 -7.49
N GLY A 175 2.16 -15.61 -7.01
CA GLY A 175 2.57 -14.24 -6.79
C GLY A 175 3.81 -13.93 -7.59
N VAL A 176 3.82 -12.77 -8.25
CA VAL A 176 4.95 -12.38 -9.08
C VAL A 176 5.21 -10.88 -9.03
N ARG A 177 6.47 -10.50 -9.22
CA ARG A 177 6.80 -9.08 -9.29
C ARG A 177 7.22 -8.86 -10.73
N VAL A 178 6.63 -7.86 -11.38
CA VAL A 178 7.03 -7.53 -12.72
C VAL A 178 7.45 -6.07 -12.64
N ALA A 179 8.62 -5.75 -13.18
CA ALA A 179 9.10 -4.39 -13.19
C ALA A 179 9.34 -4.03 -14.66
N LEU A 180 8.97 -2.82 -15.05
CA LEU A 180 9.14 -2.38 -16.42
C LEU A 180 10.57 -1.88 -16.55
N ILE A 181 11.41 -2.75 -17.07
CA ILE A 181 12.83 -2.46 -17.25
C ILE A 181 13.14 -2.37 -18.74
N ARG A 182 13.53 -1.18 -19.18
CA ARG A 182 13.86 -0.93 -20.57
C ARG A 182 12.78 -1.36 -21.56
N GLY A 183 11.52 -1.13 -21.19
CA GLY A 183 10.43 -1.48 -22.08
C GLY A 183 9.90 -2.89 -21.93
N GLN A 184 10.53 -3.68 -21.07
CA GLN A 184 10.10 -5.06 -20.86
C GLN A 184 9.63 -5.28 -19.42
N TRP A 185 8.53 -6.01 -19.25
CA TRP A 185 8.06 -6.33 -17.91
C TRP A 185 8.78 -7.61 -17.50
N VAL A 186 9.82 -7.45 -16.70
CA VAL A 186 10.61 -8.57 -16.23
C VAL A 186 10.00 -9.19 -14.98
N ALA A 187 9.87 -10.51 -14.98
CA ALA A 187 9.31 -11.22 -13.84
C ALA A 187 10.43 -11.55 -12.87
N PHE A 188 10.16 -11.39 -11.58
CA PHE A 188 11.16 -11.66 -10.54
C PHE A 188 12.47 -10.96 -10.84
N PRO A 189 12.42 -9.63 -11.05
CA PRO A 189 13.66 -8.90 -11.32
C PRO A 189 14.56 -8.94 -10.11
N THR A 190 15.85 -8.71 -10.33
CA THR A 190 16.86 -8.73 -9.28
C THR A 190 17.12 -7.30 -8.89
N HIS A 191 17.80 -7.07 -7.78
CA HIS A 191 18.08 -5.69 -7.40
C HIS A 191 18.89 -5.01 -8.51
N THR A 192 19.75 -5.78 -9.16
CA THR A 192 20.57 -5.25 -10.24
C THR A 192 19.70 -4.79 -11.40
N GLU A 193 18.74 -5.63 -11.78
CA GLU A 193 17.84 -5.29 -12.88
C GLU A 193 16.90 -4.15 -12.52
N LEU A 194 16.56 -4.03 -11.25
CA LEU A 194 15.66 -2.96 -10.84
C LEU A 194 16.28 -1.55 -10.98
N GLU A 195 17.59 -1.46 -11.12
CA GLU A 195 18.22 -0.14 -11.26
C GLU A 195 17.73 0.59 -12.51
N ASP A 196 17.17 -0.14 -13.46
CA ASP A 196 16.65 0.47 -14.68
C ASP A 196 15.12 0.36 -14.77
N ALA A 197 14.47 0.15 -13.63
CA ALA A 197 13.02 0.01 -13.58
C ALA A 197 12.28 1.33 -13.41
N VAL A 198 11.25 1.55 -14.23
CA VAL A 198 10.44 2.76 -14.13
C VAL A 198 9.19 2.49 -13.29
N PHE A 199 8.89 1.21 -13.06
CA PHE A 199 7.73 0.81 -12.28
C PHE A 199 8.01 -0.59 -11.72
N ASP A 200 7.69 -0.78 -10.44
CA ASP A 200 7.89 -2.04 -9.72
C ASP A 200 6.51 -2.49 -9.24
N MET A 201 6.03 -3.63 -9.72
CA MET A 201 4.69 -4.07 -9.37
C MET A 201 4.52 -5.53 -8.98
N VAL A 202 3.99 -5.76 -7.79
CA VAL A 202 3.75 -7.13 -7.31
C VAL A 202 2.29 -7.48 -7.64
N VAL A 203 2.06 -8.69 -8.13
CA VAL A 203 0.71 -9.10 -8.49
C VAL A 203 0.50 -10.52 -8.05
N ALA A 204 -0.70 -10.82 -7.56
CA ALA A 204 -1.02 -12.18 -7.14
C ALA A 204 -2.39 -12.48 -7.68
N GLY A 205 -2.62 -13.76 -8.03
CA GLY A 205 -3.91 -14.14 -8.57
C GLY A 205 -4.05 -15.66 -8.59
N ARG A 206 -5.16 -16.13 -9.12
CA ARG A 206 -5.44 -17.55 -9.22
C ARG A 206 -5.81 -17.88 -10.66
N VAL A 207 -5.83 -19.16 -11.00
CA VAL A 207 -6.19 -19.62 -12.33
C VAL A 207 -7.62 -20.16 -12.27
N LEU A 208 -8.50 -19.57 -13.08
CA LEU A 208 -9.89 -20.00 -13.10
C LEU A 208 -10.03 -21.35 -13.79
N GLU A 209 -11.19 -21.97 -13.60
CA GLU A 209 -11.46 -23.27 -14.18
C GLU A 209 -11.32 -23.24 -15.71
N ASP A 210 -11.48 -22.06 -16.31
CA ASP A 210 -11.37 -21.97 -17.76
C ASP A 210 -9.96 -21.63 -18.24
N GLY A 211 -9.00 -21.57 -17.33
CA GLY A 211 -7.63 -21.29 -17.72
C GLY A 211 -7.19 -19.83 -17.64
N ASP A 212 -8.15 -18.92 -17.61
CA ASP A 212 -7.83 -17.50 -17.51
C ASP A 212 -7.31 -17.22 -16.10
N VAL A 213 -6.47 -16.20 -16.00
CA VAL A 213 -5.90 -15.82 -14.72
C VAL A 213 -6.74 -14.70 -14.12
N ALA A 214 -7.08 -14.84 -12.85
CA ALA A 214 -7.85 -13.81 -12.19
C ALA A 214 -6.87 -13.10 -11.26
N ILE A 215 -6.64 -11.82 -11.49
CA ILE A 215 -5.74 -11.06 -10.64
C ILE A 215 -6.52 -10.74 -9.37
N MET A 216 -5.86 -10.89 -8.23
CA MET A 216 -6.54 -10.65 -6.96
C MET A 216 -5.93 -9.55 -6.12
N MET A 217 -4.62 -9.36 -6.24
CA MET A 217 -3.91 -8.38 -5.44
C MET A 217 -2.81 -7.69 -6.23
N VAL A 218 -2.69 -6.39 -6.02
CA VAL A 218 -1.65 -5.61 -6.67
C VAL A 218 -1.10 -4.59 -5.67
N GLU A 219 0.23 -4.48 -5.63
CA GLU A 219 0.94 -3.55 -4.76
C GLU A 219 2.08 -3.07 -5.64
N ALA A 220 1.96 -1.86 -6.18
CA ALA A 220 2.96 -1.36 -7.11
C ALA A 220 3.46 0.04 -6.76
N GLU A 221 4.49 0.48 -7.48
CA GLU A 221 5.05 1.79 -7.22
C GLU A 221 6.00 2.19 -8.35
N ALA A 222 6.16 3.50 -8.52
CA ALA A 222 7.10 4.01 -9.51
C ALA A 222 8.38 3.95 -8.68
N THR A 223 9.54 4.28 -9.24
CA THR A 223 10.76 4.18 -8.46
C THR A 223 11.54 5.46 -8.35
N GLU A 224 12.66 5.40 -7.65
CA GLU A 224 13.51 6.58 -7.51
C GLU A 224 14.28 6.81 -8.81
N LYS A 225 14.13 5.89 -9.75
CA LYS A 225 14.80 5.97 -11.06
C LYS A 225 13.86 6.46 -12.17
N THR A 226 12.56 6.26 -11.98
CA THR A 226 11.59 6.67 -12.99
C THR A 226 11.85 7.99 -13.71
N ILE A 227 11.73 9.10 -13.01
CA ILE A 227 11.93 10.40 -13.64
C ILE A 227 13.18 10.50 -14.53
N GLN A 228 14.34 10.06 -14.03
CA GLN A 228 15.56 10.15 -14.83
C GLN A 228 15.48 9.25 -16.07
N LEU A 229 15.03 8.01 -15.88
CA LEU A 229 14.92 7.07 -16.99
C LEU A 229 13.96 7.55 -18.08
N VAL A 230 12.90 8.24 -17.69
CA VAL A 230 11.92 8.76 -18.65
C VAL A 230 12.58 9.94 -19.34
N LYS A 231 13.39 10.67 -18.58
CA LYS A 231 14.10 11.81 -19.10
C LYS A 231 14.98 11.25 -20.20
N ASP A 232 15.75 10.21 -19.86
CA ASP A 232 16.66 9.57 -20.79
C ASP A 232 15.99 8.73 -21.89
N GLY A 233 14.67 8.83 -22.04
CA GLY A 233 14.02 8.09 -23.10
C GLY A 233 12.93 7.05 -22.81
N ALA A 234 12.94 6.47 -21.62
CA ALA A 234 11.95 5.47 -21.25
C ALA A 234 10.53 6.03 -21.20
N GLU A 235 9.55 5.15 -21.29
CA GLU A 235 8.14 5.57 -21.26
C GLU A 235 7.60 5.67 -19.84
N ALA A 236 7.05 6.83 -19.50
CA ALA A 236 6.49 7.06 -18.17
C ALA A 236 5.40 6.04 -17.84
N PRO A 237 5.29 5.65 -16.57
CA PRO A 237 4.28 4.67 -16.17
C PRO A 237 2.88 5.27 -15.98
N THR A 238 2.17 5.45 -17.09
CA THR A 238 0.82 5.98 -17.07
C THR A 238 -0.15 4.83 -16.91
N GLU A 239 -1.44 5.13 -16.80
CA GLU A 239 -2.47 4.11 -16.63
C GLU A 239 -2.43 3.04 -17.73
N GLU A 240 -2.12 3.45 -18.95
CA GLU A 240 -2.05 2.51 -20.09
C GLU A 240 -0.92 1.53 -19.87
N VAL A 241 0.25 2.07 -19.54
CA VAL A 241 1.45 1.29 -19.28
C VAL A 241 1.23 0.31 -18.12
N VAL A 242 0.73 0.86 -17.01
CA VAL A 242 0.44 0.05 -15.82
C VAL A 242 -0.50 -1.09 -16.15
N ALA A 243 -1.60 -0.79 -16.85
CA ALA A 243 -2.56 -1.84 -17.21
C ALA A 243 -1.85 -2.90 -18.04
N ALA A 244 -0.93 -2.48 -18.91
CA ALA A 244 -0.19 -3.43 -19.74
C ALA A 244 0.63 -4.35 -18.85
N GLY A 245 1.23 -3.77 -17.80
CA GLY A 245 2.00 -4.58 -16.89
C GLY A 245 1.15 -5.66 -16.26
N LEU A 246 -0.07 -5.30 -15.86
CA LEU A 246 -0.96 -6.27 -15.25
C LEU A 246 -1.18 -7.48 -16.16
N ASP A 247 -1.30 -7.25 -17.47
CA ASP A 247 -1.46 -8.37 -18.39
C ASP A 247 -0.16 -9.16 -18.45
N ALA A 248 0.97 -8.46 -18.42
CA ALA A 248 2.25 -9.14 -18.48
C ALA A 248 2.47 -10.10 -17.30
N ALA A 249 1.82 -9.82 -16.17
CA ALA A 249 1.98 -10.68 -15.00
C ALA A 249 1.17 -11.98 -15.07
N LYS A 250 0.10 -11.98 -15.85
CA LYS A 250 -0.74 -13.16 -15.95
C LYS A 250 -0.08 -14.47 -16.36
N PRO A 251 0.69 -14.48 -17.46
CA PRO A 251 1.32 -15.76 -17.85
C PRO A 251 2.20 -16.35 -16.73
N PHE A 252 2.91 -15.48 -16.03
CA PHE A 252 3.77 -15.93 -14.96
C PHE A 252 2.95 -16.51 -13.82
N ILE A 253 1.86 -15.83 -13.46
CA ILE A 253 1.00 -16.31 -12.40
C ILE A 253 0.41 -17.69 -12.76
N LYS A 254 0.16 -17.92 -14.04
CA LYS A 254 -0.40 -19.19 -14.48
C LYS A 254 0.68 -20.26 -14.33
N VAL A 255 1.90 -19.90 -14.71
CA VAL A 255 3.01 -20.83 -14.59
C VAL A 255 3.26 -21.20 -13.12
N LEU A 256 3.22 -20.20 -12.23
CA LEU A 256 3.43 -20.43 -10.80
C LEU A 256 2.31 -21.28 -10.22
N CYS A 257 1.08 -21.02 -10.64
CA CYS A 257 -0.06 -21.79 -10.16
C CYS A 257 -0.02 -23.22 -10.64
N LYS A 258 0.33 -23.40 -11.92
CA LYS A 258 0.39 -24.74 -12.47
C LYS A 258 1.44 -25.57 -11.72
N ALA A 259 2.58 -24.96 -11.41
CA ALA A 259 3.62 -25.66 -10.68
C ALA A 259 3.14 -26.12 -9.29
N GLN A 260 2.48 -25.22 -8.56
CA GLN A 260 1.96 -25.56 -7.24
C GLN A 260 0.91 -26.68 -7.36
N ALA A 261 0.05 -26.57 -8.37
CA ALA A 261 -0.99 -27.57 -8.60
C ALA A 261 -0.37 -28.94 -8.87
N ASP A 262 0.77 -28.96 -9.55
CA ASP A 262 1.45 -30.21 -9.82
C ASP A 262 1.97 -30.78 -8.51
N LEU A 263 2.39 -29.91 -7.60
CA LEU A 263 2.90 -30.36 -6.31
C LEU A 263 1.74 -30.92 -5.50
N ALA A 264 0.65 -30.16 -5.45
CA ALA A 264 -0.53 -30.58 -4.69
C ALA A 264 -1.07 -31.90 -5.22
N ALA A 265 -1.04 -32.04 -6.54
CA ALA A 265 -1.51 -33.25 -7.19
C ALA A 265 -0.74 -34.44 -6.63
N LYS A 266 0.55 -34.25 -6.41
CA LYS A 266 1.41 -35.32 -5.88
C LYS A 266 1.36 -35.52 -4.38
N ALA A 267 1.18 -34.45 -3.59
CA ALA A 267 1.21 -34.62 -2.15
C ALA A 267 0.19 -33.91 -1.25
N ALA A 268 -0.77 -33.19 -1.82
CA ALA A 268 -1.75 -32.51 -0.99
C ALA A 268 -2.62 -33.48 -0.17
N LYS A 269 -2.90 -33.11 1.08
CA LYS A 269 -3.76 -33.94 1.92
C LYS A 269 -5.19 -33.74 1.41
N PRO A 270 -6.10 -34.66 1.75
CA PRO A 270 -7.48 -34.48 1.29
C PRO A 270 -8.16 -33.42 2.15
N THR A 271 -9.01 -32.59 1.54
CA THR A 271 -9.72 -31.54 2.27
C THR A 271 -10.45 -32.08 3.50
N GLY A 272 -10.23 -31.44 4.65
CA GLY A 272 -10.90 -31.88 5.86
C GLY A 272 -12.32 -31.34 5.95
N GLU A 273 -13.06 -31.81 6.97
CA GLU A 273 -14.44 -31.37 7.19
C GLU A 273 -14.42 -30.36 8.32
N PHE A 274 -14.57 -29.09 7.98
CA PHE A 274 -14.53 -28.03 8.99
C PHE A 274 -15.88 -27.38 9.26
N PRO A 275 -16.13 -27.02 10.53
CA PRO A 275 -17.39 -26.38 10.91
C PRO A 275 -17.50 -24.97 10.31
N VAL A 276 -18.68 -24.63 9.83
CA VAL A 276 -18.94 -23.32 9.26
C VAL A 276 -19.86 -22.54 10.19
N PHE A 277 -19.59 -21.25 10.35
CA PHE A 277 -20.40 -20.42 11.24
C PHE A 277 -21.01 -19.25 10.49
N LEU A 278 -22.30 -19.40 10.19
CA LEU A 278 -23.07 -18.38 9.47
C LEU A 278 -23.25 -17.15 10.35
N ASP A 279 -23.49 -16.01 9.71
CA ASP A 279 -23.70 -14.76 10.44
C ASP A 279 -25.15 -14.68 10.88
N TYR A 280 -26.03 -15.32 10.13
CA TYR A 280 -27.46 -15.32 10.43
C TYR A 280 -28.17 -16.38 9.61
N GLN A 281 -29.28 -16.89 10.14
CA GLN A 281 -30.08 -17.88 9.44
C GLN A 281 -31.10 -17.16 8.56
N ASP A 282 -31.66 -17.88 7.61
CA ASP A 282 -32.64 -17.31 6.69
C ASP A 282 -33.89 -16.71 7.37
N ASP A 283 -34.39 -17.37 8.40
CA ASP A 283 -35.58 -16.88 9.10
C ASP A 283 -35.41 -15.46 9.65
N VAL A 284 -34.18 -15.09 9.99
CA VAL A 284 -33.91 -13.76 10.52
C VAL A 284 -33.95 -12.71 9.41
N LEU A 285 -33.37 -13.05 8.26
CA LEU A 285 -33.31 -12.15 7.13
C LEU A 285 -34.69 -11.95 6.50
N GLU A 286 -35.45 -13.04 6.35
CA GLU A 286 -36.78 -12.95 5.79
C GLU A 286 -37.64 -12.12 6.72
N ALA A 287 -37.50 -12.38 8.02
CA ALA A 287 -38.24 -11.66 9.03
C ALA A 287 -37.89 -10.17 8.97
N LEU A 288 -36.60 -9.88 9.08
CA LEU A 288 -36.10 -8.51 9.06
C LEU A 288 -36.46 -7.81 7.75
N SER A 289 -36.28 -8.51 6.63
CA SER A 289 -36.60 -7.92 5.34
C SER A 289 -38.06 -7.49 5.31
N ALA A 290 -38.94 -8.43 5.62
CA ALA A 290 -40.38 -8.18 5.64
C ALA A 290 -40.76 -7.07 6.61
N ALA A 291 -40.02 -6.97 7.70
CA ALA A 291 -40.29 -5.97 8.72
C ALA A 291 -39.88 -4.54 8.39
N VAL A 292 -38.71 -4.35 7.75
CA VAL A 292 -38.25 -3.00 7.47
C VAL A 292 -37.75 -2.64 6.08
N ARG A 293 -37.67 -3.62 5.19
CA ARG A 293 -37.17 -3.36 3.84
C ARG A 293 -37.59 -2.01 3.23
N PRO A 294 -38.88 -1.68 3.26
CA PRO A 294 -39.35 -0.42 2.70
C PRO A 294 -38.75 0.82 3.37
N GLU A 295 -38.84 0.88 4.69
CA GLU A 295 -38.30 2.02 5.43
C GLU A 295 -36.78 2.14 5.23
N LEU A 296 -36.10 1.00 5.14
CA LEU A 296 -34.66 0.98 4.96
C LEU A 296 -34.26 1.52 3.59
N SER A 297 -34.85 0.96 2.54
CA SER A 297 -34.56 1.40 1.19
C SER A 297 -34.86 2.88 1.03
N ALA A 298 -35.79 3.38 1.84
CA ALA A 298 -36.20 4.78 1.80
C ALA A 298 -35.21 5.64 2.57
N ALA A 299 -34.86 5.19 3.77
CA ALA A 299 -33.92 5.94 4.59
C ALA A 299 -32.60 6.14 3.85
N LEU A 300 -32.24 5.15 3.03
CA LEU A 300 -30.99 5.19 2.26
C LEU A 300 -31.00 6.22 1.13
N THR A 301 -32.13 6.91 0.96
CA THR A 301 -32.24 7.92 -0.09
C THR A 301 -31.99 9.31 0.49
N ILE A 302 -31.77 9.38 1.80
CA ILE A 302 -31.51 10.64 2.46
C ILE A 302 -30.06 11.06 2.21
N ALA A 303 -29.89 12.11 1.42
CA ALA A 303 -28.55 12.61 1.08
C ALA A 303 -27.88 13.35 2.26
N GLY A 304 -28.62 13.53 3.34
CA GLY A 304 -28.07 14.21 4.51
C GLY A 304 -27.44 13.27 5.53
N LYS A 305 -26.37 13.71 6.17
CA LYS A 305 -25.67 12.88 7.15
C LYS A 305 -26.52 12.52 8.37
N GLN A 306 -26.73 13.50 9.26
CA GLN A 306 -27.52 13.28 10.48
C GLN A 306 -28.96 12.84 10.20
N ASP A 307 -29.54 13.38 9.14
CA ASP A 307 -30.92 13.03 8.76
C ASP A 307 -31.02 11.54 8.45
N ARG A 308 -30.15 11.07 7.55
CA ARG A 308 -30.12 9.67 7.15
C ARG A 308 -29.89 8.80 8.37
N GLU A 309 -28.73 8.97 9.00
CA GLU A 309 -28.37 8.19 10.18
C GLU A 309 -29.50 8.18 11.19
N ALA A 310 -30.29 9.25 11.19
CA ALA A 310 -31.43 9.37 12.11
C ALA A 310 -32.53 8.39 11.69
N GLU A 311 -33.04 8.56 10.48
CA GLU A 311 -34.09 7.69 9.96
C GLU A 311 -33.50 6.28 9.91
N LEU A 312 -32.21 6.20 9.61
CA LEU A 312 -31.50 4.94 9.51
C LEU A 312 -31.43 4.31 10.90
N ASP A 313 -31.93 5.04 11.88
CA ASP A 313 -31.94 4.59 13.26
C ASP A 313 -33.36 4.17 13.63
N ARG A 314 -34.34 4.94 13.16
CA ARG A 314 -35.73 4.63 13.38
C ARG A 314 -36.02 3.24 12.86
N VAL A 315 -35.41 2.96 11.72
CA VAL A 315 -35.59 1.68 11.06
C VAL A 315 -35.04 0.54 11.91
N LYS A 316 -33.77 0.66 12.32
CA LYS A 316 -33.18 -0.38 13.15
C LYS A 316 -34.11 -0.66 14.31
N ALA A 317 -34.67 0.41 14.87
CA ALA A 317 -35.59 0.31 15.99
C ALA A 317 -36.85 -0.45 15.58
N LEU A 318 -37.53 0.05 14.55
CA LEU A 318 -38.75 -0.59 14.07
C LEU A 318 -38.49 -2.07 13.78
N ALA A 319 -37.23 -2.40 13.49
CA ALA A 319 -36.85 -3.78 13.21
C ALA A 319 -36.58 -4.51 14.51
N ALA A 320 -35.58 -4.03 15.25
CA ALA A 320 -35.20 -4.65 16.52
C ALA A 320 -36.35 -4.64 17.53
N GLU A 321 -37.51 -4.13 17.12
CA GLU A 321 -38.67 -4.08 17.98
C GLU A 321 -39.80 -4.93 17.40
N LYS A 322 -39.73 -5.19 16.09
CA LYS A 322 -40.75 -5.98 15.43
C LYS A 322 -40.37 -7.46 15.41
N LEU A 323 -39.09 -7.76 15.57
CA LEU A 323 -38.62 -9.14 15.57
C LEU A 323 -38.47 -9.70 16.99
N LEU A 324 -38.82 -8.87 17.98
CA LEU A 324 -38.77 -9.30 19.37
C LEU A 324 -40.20 -9.38 19.89
N PRO A 325 -40.48 -10.31 20.81
CA PRO A 325 -39.51 -11.27 21.37
C PRO A 325 -39.34 -12.55 20.55
N GLU A 326 -39.93 -12.57 19.35
CA GLU A 326 -39.84 -13.75 18.48
C GLU A 326 -38.40 -14.22 18.36
N PHE A 327 -37.49 -13.29 18.11
CA PHE A 327 -36.09 -13.62 17.99
C PHE A 327 -35.30 -13.11 19.17
N GLU A 328 -35.33 -13.87 20.26
CA GLU A 328 -34.60 -13.51 21.46
C GLU A 328 -33.30 -14.30 21.45
N GLY A 329 -32.19 -13.64 21.80
CA GLY A 329 -30.91 -14.33 21.82
C GLY A 329 -30.30 -14.47 20.45
N ARG A 330 -30.91 -13.85 19.44
CA ARG A 330 -30.40 -13.92 18.08
C ARG A 330 -30.14 -12.51 17.56
N GLU A 331 -30.09 -11.57 18.49
CA GLU A 331 -29.86 -10.15 18.19
C GLU A 331 -28.69 -9.94 17.22
N LYS A 332 -27.61 -10.69 17.42
CA LYS A 332 -26.46 -10.56 16.55
C LYS A 332 -26.81 -10.91 15.10
N GLU A 333 -27.66 -11.91 14.92
CA GLU A 333 -28.05 -12.31 13.58
C GLU A 333 -28.88 -11.20 12.96
N ILE A 334 -29.64 -10.52 13.82
CA ILE A 334 -30.48 -9.43 13.35
C ILE A 334 -29.64 -8.31 12.75
N SER A 335 -28.71 -7.78 13.52
CA SER A 335 -27.85 -6.70 13.03
C SER A 335 -26.97 -7.14 11.87
N ALA A 336 -26.58 -8.42 11.87
CA ALA A 336 -25.74 -8.95 10.79
C ALA A 336 -26.56 -9.03 9.50
N ALA A 337 -27.84 -9.42 9.63
CA ALA A 337 -28.75 -9.52 8.50
C ALA A 337 -29.09 -8.12 8.03
N TYR A 338 -29.13 -7.20 8.99
CA TYR A 338 -29.43 -5.81 8.72
C TYR A 338 -28.34 -5.24 7.81
N ARG A 339 -27.13 -5.80 7.94
CA ARG A 339 -26.00 -5.40 7.12
C ARG A 339 -26.14 -5.97 5.72
N ALA A 340 -26.43 -7.26 5.62
CA ALA A 340 -26.59 -7.87 4.31
C ALA A 340 -27.66 -7.09 3.52
N LEU A 341 -28.79 -6.82 4.17
CA LEU A 341 -29.87 -6.10 3.50
C LEU A 341 -29.44 -4.71 3.05
N THR A 342 -28.82 -3.94 3.94
CA THR A 342 -28.36 -2.59 3.60
C THR A 342 -27.42 -2.65 2.40
N LYS A 343 -26.46 -3.58 2.45
CA LYS A 343 -25.50 -3.77 1.37
C LYS A 343 -26.22 -4.02 0.06
N SER A 344 -27.16 -4.97 0.10
CA SER A 344 -27.94 -5.32 -1.07
C SER A 344 -28.58 -4.05 -1.64
N LEU A 345 -29.28 -3.31 -0.77
CA LEU A 345 -29.96 -2.09 -1.21
C LEU A 345 -29.02 -1.04 -1.78
N VAL A 346 -27.92 -0.77 -1.08
CA VAL A 346 -26.95 0.23 -1.53
C VAL A 346 -26.31 -0.13 -2.89
N ARG A 347 -25.89 -1.38 -3.03
CA ARG A 347 -25.29 -1.83 -4.28
C ARG A 347 -26.29 -1.69 -5.42
N GLU A 348 -27.50 -2.17 -5.20
CA GLU A 348 -28.55 -2.11 -6.21
C GLU A 348 -28.78 -0.70 -6.72
N ARG A 349 -28.86 0.24 -5.78
CA ARG A 349 -29.10 1.64 -6.12
C ARG A 349 -27.99 2.22 -7.00
N VAL A 350 -26.76 1.78 -6.78
CA VAL A 350 -25.64 2.28 -7.56
C VAL A 350 -25.76 1.81 -9.00
N ILE A 351 -26.07 0.53 -9.18
CA ILE A 351 -26.22 -0.04 -10.52
C ILE A 351 -27.38 0.57 -11.29
N ALA A 352 -28.54 0.67 -10.64
CA ALA A 352 -29.74 1.22 -11.26
C ALA A 352 -29.78 2.74 -11.28
N GLU A 353 -29.80 3.36 -10.11
CA GLU A 353 -29.88 4.81 -9.99
C GLU A 353 -28.54 5.55 -10.12
N LYS A 354 -27.44 4.84 -9.91
CA LYS A 354 -26.12 5.45 -9.97
C LYS A 354 -25.98 6.59 -8.97
N LYS A 355 -26.62 6.40 -7.81
CA LYS A 355 -26.58 7.36 -6.72
C LYS A 355 -25.95 6.61 -5.53
N ARG A 356 -25.13 7.32 -4.77
CA ARG A 356 -24.44 6.71 -3.64
C ARG A 356 -25.09 6.98 -2.29
N ILE A 357 -24.80 6.11 -1.33
CA ILE A 357 -25.37 6.21 0.01
C ILE A 357 -25.20 7.56 0.67
N ASP A 358 -24.39 8.44 0.08
CA ASP A 358 -24.21 9.76 0.66
C ASP A 358 -24.75 10.83 -0.30
N GLY A 359 -25.36 10.39 -1.39
CA GLY A 359 -25.94 11.31 -2.35
C GLY A 359 -25.04 11.77 -3.48
N ARG A 360 -23.80 11.29 -3.52
CA ARG A 360 -22.87 11.68 -4.56
C ARG A 360 -23.06 10.87 -5.85
N GLY A 361 -22.53 11.40 -6.95
CA GLY A 361 -22.60 10.69 -8.21
C GLY A 361 -21.40 9.77 -8.23
N VAL A 362 -21.37 8.79 -9.13
CA VAL A 362 -20.27 7.83 -9.18
C VAL A 362 -18.87 8.42 -9.38
N THR A 363 -18.77 9.70 -9.75
CA THR A 363 -17.46 10.30 -9.95
C THR A 363 -17.21 11.52 -9.08
N ASP A 364 -18.14 11.81 -8.18
CA ASP A 364 -18.00 12.97 -7.31
C ASP A 364 -17.03 12.74 -6.16
N ILE A 365 -16.20 13.74 -5.91
CA ILE A 365 -15.22 13.69 -4.83
C ILE A 365 -15.84 14.39 -3.62
N ARG A 366 -15.49 13.95 -2.41
CA ARG A 366 -16.02 14.56 -1.20
C ARG A 366 -15.43 15.95 -1.02
N THR A 367 -16.02 16.75 -0.12
CA THR A 367 -15.55 18.11 0.13
C THR A 367 -14.08 18.13 0.50
N LEU A 368 -13.28 18.79 -0.34
CA LEU A 368 -11.85 18.88 -0.11
C LEU A 368 -11.43 20.17 0.58
N ALA A 369 -10.34 20.09 1.32
CA ALA A 369 -9.79 21.23 2.03
C ALA A 369 -8.30 20.95 2.18
N ALA A 370 -7.47 21.85 1.67
CA ALA A 370 -6.03 21.70 1.74
C ALA A 370 -5.50 22.95 2.44
N GLU A 371 -4.37 22.84 3.12
CA GLU A 371 -3.84 23.96 3.86
C GLU A 371 -2.44 23.66 4.37
N VAL A 372 -1.57 24.66 4.36
CA VAL A 372 -0.21 24.48 4.86
C VAL A 372 -0.03 25.39 6.06
N GLU A 373 1.09 25.27 6.77
CA GLU A 373 1.31 26.09 7.96
C GLU A 373 0.15 25.79 8.92
N ALA A 374 -0.02 24.53 9.31
CA ALA A 374 -1.11 24.17 10.21
C ALA A 374 -0.67 24.05 11.67
N ILE A 375 0.63 23.83 11.84
CA ILE A 375 1.22 23.66 13.17
C ILE A 375 2.39 24.62 13.34
N PRO A 376 2.56 25.19 14.54
CA PRO A 376 3.66 26.12 14.77
C PRO A 376 5.01 25.41 14.85
N ARG A 377 6.08 26.18 14.67
CA ARG A 377 7.46 25.70 14.77
C ARG A 377 7.98 24.60 13.86
N VAL A 378 7.19 23.55 13.66
CA VAL A 378 7.64 22.45 12.81
C VAL A 378 8.17 22.96 11.48
N HIS A 379 9.16 22.25 10.95
CA HIS A 379 9.80 22.63 9.69
C HIS A 379 8.80 22.79 8.55
N GLY A 380 7.77 21.96 8.55
CA GLY A 380 6.74 22.04 7.53
C GLY A 380 5.54 21.24 7.98
N SER A 381 4.35 21.66 7.56
CA SER A 381 3.14 20.93 7.94
C SER A 381 2.02 21.22 6.97
N ALA A 382 1.02 20.35 6.95
CA ALA A 382 -0.11 20.55 6.07
C ALA A 382 -1.30 19.78 6.62
N LEU A 383 -2.48 20.27 6.30
CA LEU A 383 -3.70 19.65 6.76
C LEU A 383 -4.50 19.33 5.52
N PHE A 384 -4.93 18.08 5.40
CA PHE A 384 -5.72 17.67 4.24
C PHE A 384 -7.00 17.01 4.69
N GLU A 385 -8.12 17.55 4.24
CA GLU A 385 -9.40 16.98 4.61
C GLU A 385 -10.19 16.64 3.36
N ARG A 386 -10.89 15.51 3.43
CA ARG A 386 -11.72 15.01 2.35
C ARG A 386 -12.85 14.28 3.04
N GLY A 387 -13.98 14.94 3.18
CA GLY A 387 -15.09 14.30 3.86
C GLY A 387 -14.65 14.21 5.32
N GLU A 388 -14.86 13.06 5.94
CA GLU A 388 -14.47 12.88 7.32
C GLU A 388 -13.01 12.47 7.49
N THR A 389 -12.30 12.34 6.38
CA THR A 389 -10.89 11.98 6.45
C THR A 389 -10.09 13.26 6.64
N GLN A 390 -9.33 13.33 7.73
CA GLN A 390 -8.52 14.49 8.01
C GLN A 390 -7.12 14.04 8.38
N ILE A 391 -6.15 14.43 7.56
CA ILE A 391 -4.78 14.02 7.79
C ILE A 391 -3.90 15.23 8.06
N LEU A 392 -3.09 15.13 9.10
CA LEU A 392 -2.15 16.19 9.42
C LEU A 392 -0.79 15.61 9.07
N GLY A 393 -0.05 16.30 8.21
CA GLY A 393 1.26 15.82 7.85
C GLY A 393 2.25 16.81 8.43
N VAL A 394 3.34 16.32 9.02
CA VAL A 394 4.37 17.18 9.60
C VAL A 394 5.72 16.75 9.09
N THR A 395 6.53 17.72 8.67
CA THR A 395 7.86 17.45 8.14
C THR A 395 8.98 17.87 9.07
N THR A 396 10.03 17.04 9.17
CA THR A 396 11.18 17.38 9.99
C THR A 396 12.45 17.13 9.17
N LEU A 397 13.32 18.13 9.10
CA LEU A 397 14.58 18.01 8.36
C LEU A 397 15.75 18.05 9.33
N ASN A 398 16.67 17.10 9.20
CA ASN A 398 17.86 17.01 10.06
C ASN A 398 19.09 16.62 9.21
N MET A 399 20.26 16.61 9.83
CA MET A 399 21.49 16.22 9.14
C MET A 399 21.28 14.78 8.67
N LEU A 400 22.02 14.37 7.65
CA LEU A 400 21.89 13.00 7.14
C LEU A 400 22.24 11.95 8.19
N ARG A 401 23.00 12.37 9.21
CA ARG A 401 23.38 11.44 10.27
C ARG A 401 22.14 10.90 10.98
N MET A 402 21.01 11.57 10.79
CA MET A 402 19.77 11.15 11.45
C MET A 402 18.96 10.20 10.58
N GLU A 403 19.46 9.90 9.39
CA GLU A 403 18.74 8.98 8.52
C GLU A 403 18.78 7.63 9.23
N GLN A 404 17.71 6.85 9.08
CA GLN A 404 17.64 5.55 9.74
C GLN A 404 18.66 4.55 9.23
N GLN A 405 19.23 3.76 10.15
CA GLN A 405 20.21 2.74 9.78
C GLN A 405 19.54 1.38 9.92
N LEU A 406 19.58 0.59 8.85
CA LEU A 406 18.96 -0.73 8.86
C LEU A 406 19.93 -1.87 8.66
N ASP A 407 19.65 -2.97 9.34
CA ASP A 407 20.46 -4.19 9.24
C ASP A 407 19.48 -5.33 9.18
N THR A 408 18.90 -5.54 8.00
CA THR A 408 17.93 -6.59 7.80
C THR A 408 18.35 -7.41 6.60
N LEU A 409 17.44 -8.20 6.04
CA LEU A 409 17.79 -9.00 4.88
C LEU A 409 17.77 -8.16 3.61
N SER A 410 17.33 -6.92 3.73
CA SER A 410 17.31 -6.02 2.58
C SER A 410 18.71 -5.46 2.35
N PRO A 411 19.04 -5.15 1.09
CA PRO A 411 20.36 -4.59 0.82
C PRO A 411 20.40 -3.13 1.29
N VAL A 412 19.21 -2.56 1.53
CA VAL A 412 19.10 -1.19 2.00
C VAL A 412 19.71 -1.14 3.40
N THR A 413 20.57 -0.17 3.65
CA THR A 413 21.22 -0.05 4.95
C THR A 413 20.93 1.29 5.61
N ARG A 414 20.40 2.23 4.84
CA ARG A 414 20.09 3.56 5.34
C ARG A 414 18.86 4.05 4.60
N LYS A 415 18.02 4.81 5.30
CA LYS A 415 16.79 5.33 4.70
C LYS A 415 16.73 6.84 4.90
N ARG A 416 16.85 7.58 3.80
CA ARG A 416 16.84 9.03 3.84
C ARG A 416 15.45 9.64 4.05
N TYR A 417 14.43 9.03 3.46
CA TYR A 417 13.07 9.54 3.62
C TYR A 417 12.31 8.55 4.48
N MET A 418 11.81 9.02 5.61
CA MET A 418 11.08 8.18 6.55
C MET A 418 9.67 8.67 6.76
N HIS A 419 8.70 7.77 6.58
CA HIS A 419 7.31 8.12 6.77
C HIS A 419 6.71 7.30 7.90
N ASN A 420 5.96 7.96 8.77
CA ASN A 420 5.29 7.30 9.89
C ASN A 420 3.82 7.69 9.80
N TYR A 421 2.94 6.71 9.90
CA TYR A 421 1.52 6.98 9.79
C TYR A 421 0.85 6.54 11.10
N ASN A 422 0.25 7.50 11.81
CA ASN A 422 -0.42 7.19 13.06
C ASN A 422 -1.93 7.24 12.91
N PHE A 423 -2.59 6.26 13.50
CA PHE A 423 -4.03 6.15 13.45
C PHE A 423 -4.51 5.96 14.88
N PRO A 424 -4.66 7.06 15.64
CA PRO A 424 -5.12 6.97 17.03
C PRO A 424 -6.59 6.55 17.09
N PRO A 425 -7.02 5.94 18.20
CA PRO A 425 -8.41 5.50 18.35
C PRO A 425 -9.46 6.60 18.17
N TYR A 426 -9.18 7.77 18.72
CA TYR A 426 -10.20 8.82 18.62
C TYR A 426 -10.36 9.33 17.19
N SER A 427 -9.50 8.84 16.30
CA SER A 427 -9.61 9.15 14.89
C SER A 427 -11.00 8.75 14.41
N VAL A 428 -11.58 7.78 15.10
CA VAL A 428 -12.92 7.29 14.77
C VAL A 428 -13.83 7.31 16.00
N GLY A 429 -13.55 8.22 16.93
CA GLY A 429 -14.35 8.33 18.13
C GLY A 429 -14.26 7.15 19.08
N GLU A 430 -13.16 6.41 19.02
CA GLU A 430 -13.00 5.25 19.88
C GLU A 430 -11.88 5.39 20.92
N THR A 431 -11.91 4.50 21.90
CA THR A 431 -10.89 4.45 22.95
C THR A 431 -10.09 3.20 22.58
N GLY A 432 -8.83 3.13 22.98
CA GLY A 432 -8.05 1.96 22.66
C GLY A 432 -6.57 2.17 22.89
N ARG A 433 -5.78 1.14 22.61
CA ARG A 433 -4.36 1.23 22.81
C ARG A 433 -3.72 2.28 21.91
N VAL A 434 -2.83 3.06 22.51
CA VAL A 434 -2.08 4.09 21.80
C VAL A 434 -0.62 3.73 22.05
N GLY A 435 0.05 3.23 21.02
CA GLY A 435 1.44 2.84 21.16
C GLY A 435 1.98 2.27 19.87
N SER A 436 2.55 1.06 19.94
CA SER A 436 3.09 0.41 18.75
C SER A 436 2.10 0.41 17.59
N PRO A 437 2.60 0.66 16.37
CA PRO A 437 1.81 0.70 15.14
C PRO A 437 1.33 -0.67 14.66
N LYS A 438 0.05 -0.75 14.28
CA LYS A 438 -0.54 -1.99 13.77
C LYS A 438 0.08 -2.35 12.43
N ARG A 439 -0.32 -3.50 11.87
CA ARG A 439 0.21 -3.91 10.59
C ARG A 439 -0.36 -3.05 9.47
N ARG A 440 -1.53 -2.46 9.71
CA ARG A 440 -2.14 -1.61 8.71
C ARG A 440 -1.49 -0.24 8.76
N GLU A 441 -1.07 0.18 9.95
CA GLU A 441 -0.42 1.47 10.10
C GLU A 441 0.90 1.42 9.35
N ILE A 442 1.49 0.22 9.30
CA ILE A 442 2.76 0.01 8.59
C ILE A 442 2.46 -0.07 7.10
N GLY A 443 1.39 -0.77 6.76
CA GLY A 443 0.97 -0.94 5.37
C GLY A 443 0.59 0.34 4.67
N HIS A 444 -0.26 1.15 5.30
CA HIS A 444 -0.67 2.42 4.71
C HIS A 444 0.53 3.38 4.68
N GLY A 445 1.29 3.39 5.77
CA GLY A 445 2.47 4.25 5.84
C GLY A 445 3.42 3.98 4.70
N ALA A 446 3.60 2.71 4.36
CA ALA A 446 4.51 2.30 3.29
C ALA A 446 4.04 2.79 1.93
N LEU A 447 2.76 2.56 1.65
CA LEU A 447 2.20 2.97 0.37
C LEU A 447 2.39 4.47 0.16
N ALA A 448 2.01 5.26 1.15
CA ALA A 448 2.16 6.72 1.03
C ALA A 448 3.63 7.13 0.96
N GLU A 449 4.50 6.29 1.52
CA GLU A 449 5.93 6.58 1.51
C GLU A 449 6.44 6.32 0.09
N ARG A 450 6.00 5.20 -0.46
CA ARG A 450 6.38 4.77 -1.80
C ARG A 450 5.79 5.65 -2.89
N ALA A 451 4.68 6.31 -2.59
CA ALA A 451 4.04 7.17 -3.57
C ALA A 451 4.80 8.47 -3.72
N ILE A 452 5.56 8.81 -2.68
CA ILE A 452 6.34 10.05 -2.64
C ILE A 452 7.78 9.90 -3.11
N VAL A 453 8.45 8.86 -2.65
CA VAL A 453 9.84 8.60 -3.01
C VAL A 453 10.25 8.96 -4.46
N PRO A 454 9.42 8.62 -5.45
CA PRO A 454 9.74 8.91 -6.85
C PRO A 454 10.00 10.38 -7.21
N VAL A 455 9.47 11.31 -6.41
CA VAL A 455 9.63 12.72 -6.72
C VAL A 455 10.56 13.49 -5.80
N LEU A 456 11.20 12.78 -4.87
CA LEU A 456 12.11 13.44 -3.94
C LEU A 456 13.42 13.81 -4.61
N PRO A 457 14.07 14.89 -4.13
CA PRO A 457 15.36 15.27 -4.73
C PRO A 457 16.37 14.24 -4.24
N THR A 458 17.56 14.22 -4.81
CA THR A 458 18.58 13.25 -4.39
C THR A 458 19.40 13.73 -3.21
N ARG A 459 20.17 12.83 -2.61
CA ARG A 459 21.01 13.18 -1.46
C ARG A 459 21.85 14.41 -1.74
N GLU A 460 22.45 14.44 -2.93
CA GLU A 460 23.30 15.55 -3.34
C GLU A 460 22.54 16.85 -3.60
N GLU A 461 21.33 16.74 -4.13
CA GLU A 461 20.54 17.93 -4.40
C GLU A 461 19.96 18.46 -3.10
N PHE A 462 19.71 17.55 -2.16
CA PHE A 462 19.11 17.88 -0.87
C PHE A 462 19.72 16.97 0.21
N PRO A 463 20.84 17.40 0.82
CA PRO A 463 21.57 16.66 1.85
C PRO A 463 20.94 16.56 3.24
N TYR A 464 19.64 16.27 3.31
CA TYR A 464 18.98 16.15 4.60
C TYR A 464 18.21 14.85 4.76
N ALA A 465 18.08 14.40 6.01
CA ALA A 465 17.31 13.21 6.30
C ALA A 465 15.92 13.83 6.45
N ILE A 466 14.92 13.22 5.84
CA ILE A 466 13.57 13.78 5.90
C ILE A 466 12.61 12.84 6.59
N ARG A 467 12.02 13.30 7.70
CA ARG A 467 11.04 12.46 8.38
C ARG A 467 9.67 13.08 8.22
N GLN A 468 8.74 12.30 7.67
CA GLN A 468 7.37 12.74 7.45
C GLN A 468 6.43 11.90 8.32
N VAL A 469 5.57 12.59 9.07
CA VAL A 469 4.61 11.92 9.94
C VAL A 469 3.21 12.31 9.52
N SER A 470 2.35 11.33 9.27
CA SER A 470 0.96 11.58 8.90
C SER A 470 0.10 11.17 10.08
N GLU A 471 -0.62 12.12 10.67
CA GLU A 471 -1.48 11.82 11.81
C GLU A 471 -2.92 11.71 11.30
N ALA A 472 -3.50 10.51 11.38
CA ALA A 472 -4.88 10.36 10.92
C ALA A 472 -5.79 10.89 12.03
N LEU A 473 -5.95 12.20 12.10
CA LEU A 473 -6.79 12.82 13.13
C LEU A 473 -8.27 12.51 12.95
N GLY A 474 -8.69 12.27 11.72
CA GLY A 474 -10.07 11.95 11.43
C GLY A 474 -10.05 10.89 10.34
N SER A 475 -10.91 9.88 10.44
CA SER A 475 -10.91 8.81 9.45
C SER A 475 -12.26 8.25 8.98
N ASN A 476 -12.40 8.10 7.66
CA ASN A 476 -13.60 7.55 7.02
C ASN A 476 -13.46 7.40 5.50
N GLY A 477 -12.32 7.81 4.96
CA GLY A 477 -12.12 7.71 3.52
C GLY A 477 -10.66 7.65 3.08
N SER A 478 -10.16 6.44 2.93
CA SER A 478 -8.77 6.20 2.54
C SER A 478 -7.82 7.23 3.11
N THR A 479 -7.25 6.88 4.26
CA THR A 479 -6.33 7.76 4.93
C THR A 479 -4.93 7.69 4.32
N SER A 480 -4.56 6.55 3.74
CA SER A 480 -3.24 6.45 3.12
C SER A 480 -3.16 7.41 1.92
N MET A 481 -4.21 7.46 1.11
CA MET A 481 -4.23 8.37 -0.04
C MET A 481 -4.28 9.81 0.43
N GLY A 482 -5.08 10.07 1.48
CA GLY A 482 -5.15 11.42 2.00
C GLY A 482 -3.78 11.78 2.53
N SER A 483 -3.06 10.77 3.00
CA SER A 483 -1.73 10.93 3.55
C SER A 483 -0.72 11.36 2.48
N VAL A 484 -0.95 10.90 1.25
CA VAL A 484 -0.07 11.25 0.15
C VAL A 484 -0.20 12.74 -0.13
N CYS A 485 -1.43 13.23 -0.24
CA CYS A 485 -1.68 14.63 -0.49
C CYS A 485 -1.10 15.50 0.63
N ALA A 486 -1.27 15.07 1.87
CA ALA A 486 -0.73 15.81 3.02
C ALA A 486 0.79 15.84 3.00
N SER A 487 1.43 14.77 2.50
CA SER A 487 2.88 14.70 2.45
C SER A 487 3.44 15.71 1.45
N THR A 488 2.87 15.70 0.25
CA THR A 488 3.30 16.62 -0.80
C THR A 488 3.34 18.06 -0.29
N MET A 489 2.19 18.52 0.20
CA MET A 489 2.08 19.89 0.71
C MET A 489 2.99 20.17 1.89
N SER A 490 3.03 19.24 2.85
CA SER A 490 3.88 19.41 4.03
C SER A 490 5.34 19.54 3.61
N LEU A 491 5.78 18.66 2.71
CA LEU A 491 7.15 18.70 2.23
C LEU A 491 7.47 20.02 1.52
N LEU A 492 6.59 20.44 0.61
CA LEU A 492 6.80 21.71 -0.10
C LEU A 492 6.82 22.82 0.93
N ASN A 493 5.90 22.78 1.89
CA ASN A 493 5.86 23.79 2.94
C ASN A 493 7.19 23.88 3.67
N ALA A 494 7.89 22.76 3.79
CA ALA A 494 9.18 22.73 4.49
C ALA A 494 10.36 23.14 3.61
N GLY A 495 10.15 23.24 2.31
CA GLY A 495 11.24 23.63 1.42
C GLY A 495 11.89 22.47 0.68
N VAL A 496 11.25 21.31 0.65
CA VAL A 496 11.82 20.16 -0.05
C VAL A 496 11.54 20.33 -1.55
N PRO A 497 12.58 20.53 -2.36
CA PRO A 497 12.37 20.70 -3.80
C PRO A 497 11.89 19.45 -4.53
N LEU A 498 10.63 19.08 -4.32
CA LEU A 498 10.06 17.91 -5.00
C LEU A 498 10.09 18.13 -6.51
N LYS A 499 10.31 17.07 -7.28
CA LYS A 499 10.32 17.22 -8.73
C LYS A 499 8.89 17.51 -9.20
N ALA A 500 7.91 17.02 -8.44
CA ALA A 500 6.51 17.21 -8.79
C ALA A 500 5.61 16.84 -7.62
N PRO A 501 4.42 17.45 -7.54
CA PRO A 501 3.47 17.16 -6.46
C PRO A 501 2.77 15.84 -6.73
N VAL A 502 2.48 15.09 -5.68
CA VAL A 502 1.82 13.81 -5.82
C VAL A 502 0.48 13.81 -5.06
N ALA A 503 -0.55 13.22 -5.67
CA ALA A 503 -1.87 13.15 -5.07
C ALA A 503 -2.39 11.72 -5.21
N GLY A 504 -3.31 11.33 -4.34
CA GLY A 504 -3.86 9.98 -4.41
C GLY A 504 -5.37 9.96 -4.32
N ILE A 505 -5.97 8.85 -4.72
CA ILE A 505 -7.42 8.73 -4.69
C ILE A 505 -7.80 7.27 -4.47
N ALA A 506 -8.86 7.04 -3.71
CA ALA A 506 -9.32 5.68 -3.41
C ALA A 506 -10.57 5.41 -4.23
N MET A 507 -10.53 4.34 -5.03
CA MET A 507 -11.66 3.99 -5.88
C MET A 507 -12.35 2.71 -5.47
N GLY A 508 -13.54 2.50 -6.03
CA GLY A 508 -14.29 1.30 -5.71
C GLY A 508 -14.99 0.81 -6.96
N LEU A 509 -15.41 -0.44 -6.97
CA LEU A 509 -16.09 -0.98 -8.13
C LEU A 509 -17.21 -1.90 -7.71
N ILE A 510 -18.43 -1.58 -8.15
CA ILE A 510 -19.58 -2.42 -7.85
C ILE A 510 -19.86 -3.21 -9.12
N SER A 511 -20.11 -4.49 -8.97
CA SER A 511 -20.38 -5.34 -10.12
C SER A 511 -21.38 -6.43 -9.78
N GLN A 512 -22.49 -6.45 -10.51
CA GLN A 512 -23.53 -7.45 -10.34
C GLN A 512 -24.15 -7.65 -11.70
N GLU A 513 -24.54 -8.89 -12.00
CA GLU A 513 -25.12 -9.19 -13.29
C GLU A 513 -26.64 -9.13 -13.29
N ILE A 514 -27.18 -8.23 -14.10
CA ILE A 514 -28.61 -8.05 -14.26
C ILE A 514 -29.10 -8.97 -15.37
N ASN A 515 -29.64 -10.12 -14.97
CA ASN A 515 -30.16 -11.13 -15.88
C ASN A 515 -29.14 -11.52 -16.96
N GLY A 516 -28.27 -12.46 -16.62
CA GLY A 516 -27.27 -12.94 -17.56
C GLY A 516 -26.28 -11.93 -18.09
N GLU A 517 -26.36 -10.68 -17.63
CA GLU A 517 -25.44 -9.65 -18.09
C GLU A 517 -24.82 -8.90 -16.91
N THR A 518 -23.49 -8.90 -16.86
CA THR A 518 -22.74 -8.26 -15.80
C THR A 518 -22.47 -6.77 -16.05
N HIS A 519 -22.83 -5.93 -15.07
CA HIS A 519 -22.61 -4.49 -15.18
C HIS A 519 -21.55 -4.04 -14.18
N TYR A 520 -20.81 -3.00 -14.54
CA TYR A 520 -19.78 -2.47 -13.65
C TYR A 520 -19.99 -0.98 -13.43
N VAL A 521 -19.71 -0.51 -12.23
CA VAL A 521 -19.84 0.90 -11.91
C VAL A 521 -18.67 1.29 -11.02
N ALA A 522 -17.78 2.12 -11.56
CA ALA A 522 -16.60 2.56 -10.83
C ALA A 522 -16.94 3.76 -9.94
N LEU A 523 -16.49 3.71 -8.69
CA LEU A 523 -16.78 4.78 -7.74
C LEU A 523 -15.55 5.59 -7.37
N THR A 524 -15.70 6.91 -7.41
CA THR A 524 -14.62 7.83 -7.09
C THR A 524 -14.61 8.24 -5.62
N ASP A 525 -13.43 8.22 -5.01
CA ASP A 525 -13.27 8.59 -3.61
C ASP A 525 -14.29 7.88 -2.71
N ILE A 526 -14.25 6.56 -2.70
CA ILE A 526 -15.19 5.77 -1.91
C ILE A 526 -15.12 5.94 -0.40
N LEU A 527 -16.29 5.87 0.24
CA LEU A 527 -16.39 5.98 1.68
C LEU A 527 -16.01 4.62 2.25
N GLY A 528 -15.72 4.58 3.55
CA GLY A 528 -15.37 3.32 4.17
C GLY A 528 -16.44 2.27 3.94
N ALA A 529 -17.69 2.71 3.85
CA ALA A 529 -18.80 1.78 3.64
C ALA A 529 -18.81 1.19 2.24
N GLU A 530 -18.53 2.03 1.25
CA GLU A 530 -18.55 1.58 -0.14
C GLU A 530 -17.42 0.59 -0.41
N ASP A 531 -16.43 0.56 0.50
CA ASP A 531 -15.35 -0.39 0.36
C ASP A 531 -15.90 -1.76 0.74
N ALA A 532 -16.61 -1.80 1.87
CA ALA A 532 -17.20 -3.04 2.36
C ALA A 532 -18.29 -3.56 1.43
N PHE A 533 -19.01 -2.67 0.75
CA PHE A 533 -20.07 -3.11 -0.15
C PHE A 533 -19.61 -3.32 -1.59
N GLY A 534 -18.37 -2.94 -1.88
CA GLY A 534 -17.84 -3.08 -3.23
C GLY A 534 -17.27 -4.43 -3.60
N ASP A 535 -16.86 -4.59 -4.86
CA ASP A 535 -16.29 -5.85 -5.33
C ASP A 535 -14.81 -5.70 -5.64
N MET A 536 -14.32 -4.48 -5.55
CA MET A 536 -12.92 -4.19 -5.81
C MET A 536 -12.63 -2.82 -5.26
N ASP A 537 -11.47 -2.68 -4.65
CA ASP A 537 -11.09 -1.39 -4.14
C ASP A 537 -9.63 -1.19 -4.51
N PHE A 538 -9.34 -0.11 -5.23
CA PHE A 538 -7.97 0.15 -5.63
C PHE A 538 -7.65 1.60 -5.35
N LYS A 539 -6.39 1.85 -5.01
CA LYS A 539 -5.94 3.19 -4.70
C LYS A 539 -4.85 3.60 -5.68
N VAL A 540 -4.97 4.79 -6.23
CA VAL A 540 -3.97 5.27 -7.17
C VAL A 540 -3.45 6.62 -6.74
N ALA A 541 -2.13 6.78 -6.82
CA ALA A 541 -1.47 8.03 -6.48
C ALA A 541 -0.45 8.28 -7.59
N GLY A 542 -0.10 9.54 -7.81
CA GLY A 542 0.86 9.85 -8.84
C GLY A 542 0.94 11.33 -9.12
N THR A 543 1.89 11.72 -9.98
CA THR A 543 2.03 13.12 -10.34
C THR A 543 1.04 13.38 -11.47
N LYS A 544 1.18 14.52 -12.13
CA LYS A 544 0.28 14.85 -13.22
C LYS A 544 0.65 14.02 -14.44
N GLU A 545 1.88 13.52 -14.46
CA GLU A 545 2.41 12.74 -15.58
C GLU A 545 2.31 11.22 -15.48
N PHE A 546 2.48 10.68 -14.27
CA PHE A 546 2.43 9.23 -14.12
C PHE A 546 1.98 8.73 -12.76
N VAL A 547 1.86 7.41 -12.66
CA VAL A 547 1.44 6.76 -11.43
C VAL A 547 2.64 6.42 -10.57
N THR A 548 2.63 6.86 -9.31
CA THR A 548 3.75 6.57 -8.43
C THR A 548 3.42 5.44 -7.49
N ALA A 549 2.13 5.10 -7.40
CA ALA A 549 1.70 4.03 -6.51
C ALA A 549 0.33 3.53 -6.89
N LEU A 550 0.09 2.24 -6.68
CA LEU A 550 -1.19 1.63 -6.97
C LEU A 550 -1.38 0.42 -6.05
N GLN A 551 -2.57 0.30 -5.46
CA GLN A 551 -2.88 -0.81 -4.58
C GLN A 551 -4.24 -1.33 -5.01
N LEU A 552 -4.41 -2.65 -5.06
CA LEU A 552 -5.69 -3.20 -5.50
C LEU A 552 -6.00 -4.54 -4.86
N ASP A 553 -7.30 -4.80 -4.67
CA ASP A 553 -7.78 -6.04 -4.07
C ASP A 553 -9.16 -6.39 -4.63
N THR A 554 -9.38 -7.65 -4.97
CA THR A 554 -10.67 -8.07 -5.49
C THR A 554 -10.74 -9.58 -5.60
N LYS A 555 -11.96 -10.09 -5.65
CA LYS A 555 -12.21 -11.53 -5.75
C LYS A 555 -12.89 -11.82 -7.09
N LEU A 556 -13.13 -10.77 -7.87
CA LEU A 556 -13.78 -10.92 -9.17
C LEU A 556 -12.97 -11.75 -10.16
N ASP A 557 -13.67 -12.57 -10.93
CA ASP A 557 -13.08 -13.42 -11.95
C ASP A 557 -12.64 -12.56 -13.13
N GLY A 558 -11.72 -11.63 -12.90
CA GLY A 558 -11.26 -10.78 -13.97
C GLY A 558 -12.34 -9.82 -14.46
N ILE A 559 -11.92 -8.67 -14.96
CA ILE A 559 -12.87 -7.68 -15.47
C ILE A 559 -12.44 -7.23 -16.87
N PRO A 560 -13.40 -6.82 -17.71
CA PRO A 560 -13.10 -6.36 -19.08
C PRO A 560 -12.02 -5.29 -19.08
N ALA A 561 -11.07 -5.42 -20.00
CA ALA A 561 -9.99 -4.46 -20.11
C ALA A 561 -10.56 -3.05 -20.23
N SER A 562 -11.65 -2.92 -20.98
CA SER A 562 -12.28 -1.62 -21.18
C SER A 562 -12.75 -1.03 -19.86
N VAL A 563 -13.20 -1.91 -18.95
CA VAL A 563 -13.68 -1.50 -17.64
C VAL A 563 -12.54 -1.04 -16.73
N LEU A 564 -11.49 -1.86 -16.64
CA LEU A 564 -10.34 -1.51 -15.81
C LEU A 564 -9.77 -0.17 -16.26
N ALA A 565 -9.45 -0.07 -17.54
CA ALA A 565 -8.89 1.16 -18.10
C ALA A 565 -9.79 2.35 -17.80
N ALA A 566 -11.09 2.11 -17.83
CA ALA A 566 -12.06 3.17 -17.55
C ALA A 566 -11.94 3.59 -16.09
N ALA A 567 -11.78 2.60 -15.21
CA ALA A 567 -11.65 2.85 -13.79
C ALA A 567 -10.39 3.65 -13.49
N LEU A 568 -9.28 3.25 -14.11
CA LEU A 568 -8.01 3.93 -13.92
C LEU A 568 -8.07 5.37 -14.45
N LYS A 569 -8.75 5.56 -15.60
CA LYS A 569 -8.88 6.89 -16.17
C LYS A 569 -9.70 7.77 -15.24
N GLN A 570 -10.80 7.23 -14.73
CA GLN A 570 -11.66 7.96 -13.82
C GLN A 570 -10.83 8.37 -12.61
N ALA A 571 -10.04 7.43 -12.10
CA ALA A 571 -9.17 7.69 -10.95
C ALA A 571 -8.18 8.80 -11.28
N ARG A 572 -7.64 8.75 -12.50
CA ARG A 572 -6.70 9.77 -12.94
C ARG A 572 -7.35 11.15 -12.88
N ASP A 573 -8.54 11.26 -13.46
CA ASP A 573 -9.26 12.53 -13.44
C ASP A 573 -9.36 13.09 -12.04
N ALA A 574 -9.82 12.26 -11.11
CA ALA A 574 -9.98 12.67 -9.72
C ALA A 574 -8.65 13.19 -9.19
N ARG A 575 -7.61 12.40 -9.42
CA ARG A 575 -6.26 12.74 -8.97
C ARG A 575 -5.83 14.11 -9.48
N LEU A 576 -6.15 14.40 -10.74
CA LEU A 576 -5.79 15.68 -11.33
C LEU A 576 -6.57 16.80 -10.67
N HIS A 577 -7.87 16.58 -10.43
CA HIS A 577 -8.65 17.62 -9.78
C HIS A 577 -8.02 17.95 -8.42
N ILE A 578 -7.69 16.91 -7.65
CA ILE A 578 -7.09 17.11 -6.33
C ILE A 578 -5.79 17.88 -6.41
N LEU A 579 -4.96 17.55 -7.41
CA LEU A 579 -3.69 18.24 -7.57
C LEU A 579 -3.91 19.74 -7.75
N ASP A 580 -5.03 20.11 -8.38
CA ASP A 580 -5.32 21.53 -8.54
C ASP A 580 -5.61 22.14 -7.17
N VAL A 581 -6.51 21.49 -6.42
CA VAL A 581 -6.86 22.00 -5.10
C VAL A 581 -5.58 22.13 -4.26
N MET A 582 -4.72 21.13 -4.32
CA MET A 582 -3.47 21.17 -3.57
C MET A 582 -2.59 22.32 -4.04
N MET A 583 -2.63 22.57 -5.35
CA MET A 583 -1.82 23.63 -5.92
C MET A 583 -2.20 25.00 -5.34
N GLU A 584 -3.49 25.21 -5.08
CA GLU A 584 -3.96 26.49 -4.53
C GLU A 584 -3.33 26.70 -3.14
N ALA A 585 -3.19 25.61 -2.39
CA ALA A 585 -2.61 25.66 -1.06
C ALA A 585 -1.13 26.04 -1.12
N ILE A 586 -0.40 25.39 -2.01
CA ILE A 586 1.01 25.67 -2.22
C ILE A 586 1.44 25.13 -3.58
N ASP A 587 2.25 25.90 -4.28
CA ASP A 587 2.72 25.52 -5.61
C ASP A 587 4.20 25.16 -5.56
N THR A 588 5.02 26.17 -5.32
CA THR A 588 6.46 25.98 -5.25
C THR A 588 6.86 25.80 -3.78
N PRO A 589 8.05 25.22 -3.54
CA PRO A 589 8.49 25.01 -2.15
C PRO A 589 8.58 26.35 -1.44
N ASP A 590 8.37 26.36 -0.12
CA ASP A 590 8.49 27.61 0.61
C ASP A 590 9.95 27.71 1.03
N GLU A 591 10.32 28.82 1.67
CA GLU A 591 11.70 28.98 2.10
C GLU A 591 11.94 27.99 3.22
N MET A 592 13.15 27.44 3.28
CA MET A 592 13.50 26.48 4.32
C MET A 592 13.47 27.15 5.70
N SER A 593 12.66 26.61 6.59
CA SER A 593 12.51 27.15 7.94
C SER A 593 13.84 27.56 8.56
N PRO A 594 13.86 28.70 9.27
CA PRO A 594 15.09 29.16 9.89
C PRO A 594 15.50 28.14 10.96
N ASN A 595 14.48 27.56 11.59
CA ASN A 595 14.64 26.56 12.65
C ASN A 595 15.22 25.23 12.15
N ALA A 596 15.53 25.15 10.86
CA ALA A 596 16.09 23.93 10.27
C ALA A 596 17.57 24.10 9.97
N PRO A 597 18.26 23.00 9.64
CA PRO A 597 19.69 23.02 9.33
C PRO A 597 20.00 23.33 7.87
N ARG A 598 21.26 23.66 7.59
CA ARG A 598 21.71 23.98 6.22
C ARG A 598 23.07 23.35 6.02
N ILE A 599 23.40 23.03 4.78
CA ILE A 599 24.69 22.41 4.48
C ILE A 599 25.43 23.18 3.38
N ILE A 600 25.56 24.48 3.59
CA ILE A 600 26.24 25.37 2.65
C ILE A 600 27.68 24.92 2.40
N THR A 601 28.08 24.87 1.14
CA THR A 601 29.43 24.45 0.78
C THR A 601 30.34 25.65 0.50
N VAL A 602 31.48 25.69 1.20
CA VAL A 602 32.45 26.77 1.05
C VAL A 602 33.87 26.24 1.23
N ASN A 621 38.02 21.10 14.78
CA ASN A 621 37.77 21.09 16.22
C ASN A 621 37.69 22.52 16.76
N GLN A 622 38.69 23.33 16.41
CA GLN A 622 38.76 24.73 16.86
C GLN A 622 37.37 25.37 16.96
N ILE A 623 36.79 25.70 15.81
CA ILE A 623 35.46 26.30 15.79
C ILE A 623 34.41 25.25 15.39
N GLN A 624 34.86 24.02 15.17
CA GLN A 624 33.97 22.93 14.80
C GLN A 624 33.17 22.49 16.02
N GLU A 625 33.69 22.82 17.20
CA GLU A 625 33.04 22.47 18.46
C GLU A 625 32.66 23.74 19.23
N ASP A 626 32.88 24.89 18.59
CA ASP A 626 32.57 26.19 19.18
C ASP A 626 31.40 26.81 18.44
N THR A 627 31.56 26.98 17.13
CA THR A 627 30.50 27.56 16.29
C THR A 627 29.37 26.54 16.19
N GLY A 628 29.68 25.29 16.50
CA GLY A 628 28.70 24.23 16.44
C GLY A 628 28.31 23.87 15.02
N ALA A 629 29.02 22.90 14.44
CA ALA A 629 28.75 22.45 13.07
C ALA A 629 29.87 21.55 12.57
N GLU A 630 29.50 20.38 12.05
CA GLU A 630 30.49 19.45 11.52
C GLU A 630 31.17 20.07 10.31
N ILE A 631 32.09 21.00 10.57
CA ILE A 631 32.83 21.70 9.51
C ILE A 631 33.66 20.74 8.66
N TYR A 640 33.16 22.67 2.96
CA TYR A 640 31.90 22.01 3.25
C TYR A 640 31.49 22.24 4.71
N ILE A 641 30.43 23.02 4.90
CA ILE A 641 29.94 23.32 6.24
C ILE A 641 28.54 22.75 6.46
N GLY A 642 28.33 22.13 7.63
CA GLY A 642 27.04 21.55 7.95
C GLY A 642 26.56 22.02 9.30
N ALA A 643 25.60 22.94 9.32
CA ALA A 643 25.06 23.47 10.56
C ALA A 643 23.70 22.85 10.88
N ALA A 644 23.40 22.75 12.18
CA ALA A 644 22.12 22.19 12.62
C ALA A 644 21.14 23.34 12.86
N ASP A 645 21.52 24.52 12.42
CA ASP A 645 20.70 25.72 12.55
C ASP A 645 21.20 26.76 11.54
N GLY A 646 20.30 27.63 11.11
CA GLY A 646 20.67 28.66 10.15
C GLY A 646 21.72 29.66 10.64
N PRO A 647 21.61 30.13 11.89
CA PRO A 647 22.58 31.10 12.44
C PRO A 647 24.00 30.57 12.64
N ALA A 648 24.31 29.43 12.04
CA ALA A 648 25.65 28.85 12.17
C ALA A 648 26.49 29.12 10.93
N ALA A 649 26.45 28.19 9.97
CA ALA A 649 27.21 28.31 8.73
C ALA A 649 27.21 29.75 8.18
N GLU A 650 26.09 30.45 8.39
CA GLU A 650 25.97 31.83 7.92
C GLU A 650 26.74 32.77 8.85
N ALA A 651 26.05 33.30 9.85
CA ALA A 651 26.67 34.21 10.81
C ALA A 651 27.36 33.44 11.94
N GLY A 673 30.40 25.14 -5.37
CA GLY A 673 29.33 25.93 -4.81
C GLY A 673 28.02 25.16 -4.66
N SER A 674 27.28 25.45 -3.59
CA SER A 674 26.01 24.79 -3.32
C SER A 674 24.88 25.82 -3.30
N VAL A 675 23.78 25.48 -3.99
CA VAL A 675 22.62 26.37 -4.07
C VAL A 675 22.10 26.71 -2.67
N VAL A 676 22.39 27.93 -2.22
CA VAL A 676 21.95 28.39 -0.90
C VAL A 676 20.49 28.87 -0.97
N LYS A 677 20.04 29.21 -2.18
CA LYS A 677 18.67 29.68 -2.39
C LYS A 677 18.32 29.76 -3.88
N THR A 678 17.25 29.09 -4.28
CA THR A 678 16.82 29.08 -5.67
C THR A 678 15.30 29.05 -5.78
N THR A 680 14.32 32.17 -7.14
CA THR A 680 13.16 32.69 -7.87
C THR A 680 13.59 33.27 -9.22
N PHE A 681 14.61 34.11 -9.20
CA PHE A 681 15.14 34.75 -10.41
C PHE A 681 16.48 34.15 -10.81
N GLY A 682 16.93 33.15 -10.04
CA GLY A 682 18.19 32.50 -10.32
C GLY A 682 18.55 31.47 -9.25
N ALA A 683 19.84 31.35 -8.96
CA ALA A 683 20.31 30.40 -7.95
C ALA A 683 21.52 30.96 -7.22
N PHE A 684 21.35 31.25 -5.93
CA PHE A 684 22.41 31.79 -5.10
C PHE A 684 23.33 30.69 -4.58
N VAL A 685 24.35 30.36 -5.36
CA VAL A 685 25.31 29.31 -4.99
C VAL A 685 26.39 29.84 -4.05
N SER A 686 26.67 29.08 -2.99
CA SER A 686 27.70 29.46 -2.02
C SER A 686 29.05 29.53 -2.71
N LEU A 687 29.93 30.40 -2.19
CA LEU A 687 31.26 30.58 -2.78
C LEU A 687 32.38 30.62 -1.73
N LEU A 688 32.53 31.76 -1.07
CA LEU A 688 33.56 31.93 -0.06
C LEU A 688 32.96 32.08 1.34
N ASP A 692 28.58 34.29 -1.74
CA ASP A 692 27.75 33.50 -2.64
C ASP A 692 27.64 34.16 -4.01
N GLY A 693 26.95 33.51 -4.94
CA GLY A 693 26.79 34.05 -6.27
C GLY A 693 25.36 33.97 -6.77
N LEU A 694 25.11 34.51 -7.97
CA LEU A 694 23.77 34.50 -8.55
C LEU A 694 23.81 34.23 -10.05
N LEU A 695 22.99 33.28 -10.49
CA LEU A 695 22.88 32.91 -11.90
C LEU A 695 21.44 33.16 -12.34
N HIS A 696 21.24 34.18 -13.18
CA HIS A 696 19.91 34.53 -13.68
C HIS A 696 19.12 33.32 -14.17
N LEU A 716 19.21 23.71 -9.89
CA LEU A 716 19.66 23.29 -8.57
C LEU A 716 18.52 23.39 -7.55
N GLY A 717 18.66 22.69 -6.43
CA GLY A 717 17.63 22.71 -5.40
C GLY A 717 18.03 23.55 -4.19
N VAL A 718 17.47 23.21 -3.03
CA VAL A 718 17.77 23.95 -1.81
C VAL A 718 19.02 23.39 -1.12
N GLY A 719 19.96 22.89 -1.92
CA GLY A 719 21.18 22.33 -1.40
C GLY A 719 22.01 21.62 -2.46
N GLN A 720 21.49 21.64 -3.68
CA GLN A 720 22.17 20.99 -4.82
C GLN A 720 23.58 21.51 -5.02
N LYS A 721 24.35 20.80 -5.84
CA LYS A 721 25.73 21.17 -6.13
C LYS A 721 25.87 21.52 -7.62
N VAL A 722 26.73 22.49 -7.91
CA VAL A 722 26.96 22.92 -9.29
C VAL A 722 28.28 23.67 -9.41
N GLN A 723 29.09 23.32 -10.41
CA GLN A 723 30.39 23.96 -10.64
C GLN A 723 30.18 25.45 -10.90
N VAL A 724 30.76 26.29 -10.05
CA VAL A 724 30.60 27.74 -10.19
C VAL A 724 31.80 28.47 -10.81
N GLU A 725 31.49 29.39 -11.72
CA GLU A 725 32.49 30.21 -12.41
C GLU A 725 32.01 31.67 -12.38
N ILE A 726 32.93 32.59 -12.13
CA ILE A 726 32.59 34.01 -12.08
C ILE A 726 32.61 34.63 -13.48
N ALA A 727 31.47 35.20 -13.88
CA ALA A 727 31.32 35.82 -15.19
C ALA A 727 31.51 37.34 -15.17
N GLU A 728 30.92 38.01 -14.19
CA GLU A 728 31.03 39.47 -14.10
C GLU A 728 30.85 40.00 -12.66
N ILE A 729 31.71 40.93 -12.28
CA ILE A 729 31.67 41.53 -10.94
C ILE A 729 31.03 42.92 -11.01
N ASP A 730 29.78 43.01 -10.55
CA ASP A 730 29.02 44.26 -10.56
C ASP A 730 29.76 45.42 -9.88
N SER A 731 29.20 46.62 -9.98
CA SER A 731 29.81 47.81 -9.38
C SER A 731 29.83 47.63 -7.87
N ARG A 732 28.77 47.04 -7.33
CA ARG A 732 28.66 46.79 -5.90
C ARG A 732 29.50 45.56 -5.54
N GLY A 733 29.93 44.83 -6.57
CA GLY A 733 30.74 43.65 -6.37
C GLY A 733 30.03 42.32 -6.50
N LYS A 734 28.80 42.33 -6.99
CA LYS A 734 28.01 41.11 -7.15
C LYS A 734 28.75 40.03 -7.95
#